data_5T14
#
_entry.id   5T14
#
_cell.length_a   65.250
_cell.length_b   128.820
_cell.length_c   167.460
_cell.angle_alpha   90.00
_cell.angle_beta   90.00
_cell.angle_gamma   90.00
#
_symmetry.space_group_name_H-M   'P 21 21 21'
#
loop_
_entity.id
_entity.type
_entity.pdbx_description
1 polymer 'DNA polymerase kappa'
2 polymer DNA
3 polymer DNA
4 non-polymer 'MAGNESIUM ION'
5 non-polymer "2'-deoxy-5'-O-[(R)-hydroxy{[(R)-hydroxy(phosphonooxy)phosphoryl]amino}phosphoryl]adenosine"
6 non-polymer 'TRIETHYLENE GLYCOL'
7 water water
#
loop_
_entity_poly.entity_id
_entity_poly.type
_entity_poly.pdbx_seq_one_letter_code
_entity_poly.pdbx_strand_id
1 'polypeptide(L)'
;MDSTKEKCDSYKDDLLLRMGLNDNKAGMEGLDKEKINKIIMEATKGSRFYGNELKKEKQVNQRIENMMQQKAQITSQQLR
KAQLQVDRFAMELEQSRNLSNTIVHIDMDAFYAAVEMRDNPELKDKPIAVGSMSMLSTSNYHARRFGVRAAMPGFIAKRL
CPQLIIVPPNFDKYRAVSKEVKEILADYDPNFMAMSLDEAYLNITKHLEERQNWPEDKRRYFIKMGSSVENDNPGKEVNK
LSEHERSISPLLFEESPSDVQPPGDPFQVNFEEQNNPQILQNSVVFGTSAQEVVKEIRFRIEQKTTLTASAGIAPNTMLA
KVCSDKNKPNGQYQILPNRQAVMDFIKDLPIRKVSGIGKVTEKMLKALGIITCTELYQQRALLSLLFSETSWHYFLHISL
GLGSTHLTRDGERKSMSVERTFSEINKAEEQYSLCQELCSELAQDLQKERLKGRTVTIKLKNVNFEVKTRASTVSSVVST
AEEIFAIAKELLKTEIDADFPHPLRLRLMGVRISSFPNEEDRKHQQR
;
A,B
2 'polydeoxyribonucleotide' (DC)(DG)(DG)(DA)(DT)(DC)(DG)(DA)(DC) C,P
3 'polydeoxyribonucleotide' (DC)(DT)(DA)(DT)(VKJ)(DT)(DC)(DG)(DA)(DT)(DC)(DC)(DG) D,T
#
# COMPACT_ATOMS: atom_id res chain seq x y z
N LEU A 31 -0.81 30.98 8.78
CA LEU A 31 -0.79 30.90 10.28
C LEU A 31 0.61 31.26 10.83
N ASP A 32 0.61 32.00 11.95
CA ASP A 32 1.86 32.58 12.50
C ASP A 32 2.72 31.57 13.29
N LYS A 33 3.96 31.95 13.59
CA LYS A 33 4.91 31.10 14.32
C LYS A 33 4.59 30.88 15.82
N GLU A 34 3.38 31.27 16.27
CA GLU A 34 2.89 31.03 17.64
C GLU A 34 1.59 30.19 17.67
N LYS A 35 0.63 30.53 16.82
CA LYS A 35 -0.61 29.74 16.67
C LYS A 35 -0.33 28.31 16.19
N ILE A 36 0.68 28.14 15.33
CA ILE A 36 1.16 26.81 14.87
C ILE A 36 1.40 25.87 16.05
N ASN A 37 2.35 26.26 16.89
CA ASN A 37 2.75 25.49 18.09
C ASN A 37 1.56 25.35 19.06
N LYS A 38 0.70 26.37 19.09
CA LYS A 38 -0.52 26.42 19.92
C LYS A 38 -1.62 25.41 19.53
N ILE A 39 -1.81 25.13 18.24
CA ILE A 39 -2.82 24.10 17.82
C ILE A 39 -2.23 22.69 17.88
N ILE A 40 -0.93 22.55 17.56
CA ILE A 40 -0.21 21.26 17.70
C ILE A 40 -0.42 20.75 19.13
N MET A 41 -0.10 21.61 20.10
CA MET A 41 -0.34 21.36 21.52
C MET A 41 -1.83 21.08 21.82
N GLU A 42 -2.72 21.88 21.22
CA GLU A 42 -4.17 21.71 21.34
C GLU A 42 -4.70 20.38 20.81
N ALA A 43 -4.07 19.87 19.75
CA ALA A 43 -4.46 18.61 19.10
C ALA A 43 -3.64 17.39 19.57
N THR A 44 -2.45 17.64 20.12
CA THR A 44 -1.65 16.57 20.72
C THR A 44 -2.08 16.26 22.18
N LYS A 45 -2.57 17.27 22.91
CA LYS A 45 -2.74 17.22 24.38
C LYS A 45 -3.62 16.07 24.88
N GLY A 46 -3.05 15.22 25.74
CA GLY A 46 -3.77 14.12 26.35
C GLY A 46 -3.88 12.85 25.54
N SER A 47 -3.24 12.81 24.37
CA SER A 47 -3.20 11.61 23.53
C SER A 47 -2.21 10.62 24.11
N ARG A 48 -2.39 9.35 23.78
CA ARG A 48 -1.44 8.32 24.18
C ARG A 48 -0.06 8.63 23.59
N PHE A 49 -0.05 9.17 22.37
CA PHE A 49 1.18 9.56 21.68
C PHE A 49 1.97 10.64 22.40
N TYR A 50 1.26 11.67 22.88
CA TYR A 50 1.90 12.77 23.57
C TYR A 50 2.42 12.36 24.96
N GLY A 51 1.78 11.37 25.57
CA GLY A 51 2.32 10.72 26.77
C GLY A 51 3.75 10.30 26.50
N ASN A 52 3.93 9.47 25.48
CA ASN A 52 5.25 8.97 25.09
C ASN A 52 6.26 10.05 24.69
N GLU A 53 5.78 11.15 24.11
CA GLU A 53 6.67 12.28 23.74
C GLU A 53 7.24 13.00 24.96
N LEU A 54 6.43 13.15 26.00
CA LEU A 54 6.88 13.72 27.27
C LEU A 54 7.89 12.83 27.96
N LYS A 55 7.62 11.53 27.96
CA LYS A 55 8.51 10.49 28.49
C LYS A 55 9.87 10.45 27.79
N LYS A 56 9.89 10.66 26.48
CA LYS A 56 11.14 10.77 25.70
C LYS A 56 11.87 12.09 26.01
N GLU A 57 11.11 13.16 26.23
CA GLU A 57 11.68 14.47 26.60
C GLU A 57 12.43 14.43 27.95
N LYS A 58 11.95 13.66 28.92
CA LYS A 58 12.62 13.53 30.23
C LYS A 58 13.99 12.84 30.10
N GLN A 59 14.02 11.69 29.42
CA GLN A 59 15.26 10.97 29.14
C GLN A 59 16.33 11.91 28.57
N VAL A 60 15.90 12.77 27.64
CA VAL A 60 16.79 13.74 26.98
C VAL A 60 17.25 14.82 27.96
N ASN A 61 16.32 15.40 28.72
CA ASN A 61 16.66 16.41 29.73
C ASN A 61 17.51 15.84 30.87
N GLN A 62 17.30 14.58 31.21
CA GLN A 62 18.10 13.88 32.20
C GLN A 62 19.53 13.68 31.68
N ARG A 63 19.63 13.18 30.45
CA ARG A 63 20.92 12.99 29.78
C ARG A 63 21.69 14.30 29.64
N ILE A 64 20.97 15.42 29.49
CA ILE A 64 21.56 16.77 29.53
C ILE A 64 22.02 17.09 30.95
N GLU A 65 21.11 16.96 31.92
CA GLU A 65 21.42 17.17 33.35
C GLU A 65 22.66 16.41 33.83
N ASN A 66 22.81 15.17 33.34
CA ASN A 66 24.01 14.37 33.61
C ASN A 66 25.27 14.98 33.00
N MET A 67 25.14 15.50 31.78
CA MET A 67 26.26 16.16 31.09
C MET A 67 26.67 17.47 31.78
N MET A 68 25.72 18.19 32.36
CA MET A 68 26.02 19.43 33.12
C MET A 68 26.70 19.10 34.47
N GLN A 69 26.38 17.95 35.06
CA GLN A 69 27.10 17.44 36.22
C GLN A 69 28.57 17.26 35.89
N GLN A 70 28.86 16.61 34.76
CA GLN A 70 30.25 16.47 34.29
C GLN A 70 30.95 17.79 34.00
N LYS A 71 30.24 18.74 33.40
CA LYS A 71 30.81 20.06 33.10
C LYS A 71 31.20 20.84 34.36
N ALA A 72 30.41 20.67 35.43
CA ALA A 72 30.73 21.27 36.73
C ALA A 72 32.05 20.74 37.29
N GLN A 73 32.27 19.42 37.16
CA GLN A 73 33.43 18.74 37.76
C GLN A 73 34.60 18.52 36.79
N ILE A 74 34.71 19.37 35.77
CA ILE A 74 35.86 19.41 34.87
C ILE A 74 36.76 20.53 35.41
N THR A 75 38.05 20.24 35.60
CA THR A 75 39.00 21.21 36.16
C THR A 75 39.63 22.07 35.05
N SER A 76 40.36 23.10 35.46
CA SER A 76 41.10 23.95 34.52
C SER A 76 42.27 23.21 33.89
N GLN A 77 42.95 22.40 34.70
CA GLN A 77 44.08 21.62 34.24
C GLN A 77 43.70 20.57 33.18
N GLN A 78 42.53 19.96 33.34
CA GLN A 78 41.99 19.03 32.32
C GLN A 78 41.61 19.73 31.01
N LEU A 79 41.03 20.93 31.13
CA LEU A 79 40.66 21.75 29.98
C LEU A 79 41.89 22.11 29.13
N ARG A 80 42.93 22.63 29.77
CA ARG A 80 44.22 22.90 29.11
C ARG A 80 44.94 21.61 28.67
N LYS A 81 44.78 20.52 29.42
CA LYS A 81 45.32 19.20 29.02
C LYS A 81 44.71 18.69 27.70
N ALA A 82 43.42 18.97 27.50
CA ALA A 82 42.68 18.56 26.29
C ALA A 82 42.92 19.53 25.12
N GLN A 83 42.76 20.82 25.40
CA GLN A 83 43.08 21.92 24.49
C GLN A 83 44.34 21.68 23.65
N LEU A 84 45.37 21.10 24.25
CA LEU A 84 46.60 20.72 23.54
C LEU A 84 46.40 19.48 22.67
N GLN A 85 45.78 18.44 23.23
CA GLN A 85 45.54 17.15 22.52
C GLN A 85 44.59 17.29 21.33
N VAL A 86 43.55 18.12 21.48
CA VAL A 86 42.59 18.43 20.40
C VAL A 86 43.29 19.18 19.27
N ASP A 87 43.95 20.30 19.61
CA ASP A 87 44.65 21.14 18.62
C ASP A 87 45.84 20.46 17.95
N ARG A 88 46.35 19.38 18.53
CA ARG A 88 47.36 18.55 17.88
C ARG A 88 46.72 17.75 16.74
N PHE A 89 45.52 17.23 16.99
CA PHE A 89 44.71 16.55 15.98
C PHE A 89 44.12 17.53 14.96
N ALA A 90 43.65 18.70 15.41
CA ALA A 90 43.13 19.75 14.51
C ALA A 90 44.14 20.16 13.44
N MET A 91 45.40 20.29 13.84
CA MET A 91 46.53 20.51 12.91
C MET A 91 46.69 19.35 11.91
N GLU A 92 46.61 18.12 12.42
CA GLU A 92 46.62 16.89 11.59
C GLU A 92 45.52 16.91 10.50
N LEU A 93 44.35 17.47 10.84
CA LEU A 93 43.26 17.67 9.87
C LEU A 93 43.55 18.84 8.94
N GLU A 94 43.84 20.00 9.52
CA GLU A 94 44.06 21.24 8.78
C GLU A 94 45.12 21.15 7.67
N GLN A 95 46.22 20.47 7.98
CA GLN A 95 47.33 20.31 7.02
C GLN A 95 46.93 19.43 5.84
N SER A 96 46.09 18.43 6.09
CA SER A 96 45.57 17.57 5.02
C SER A 96 44.19 18.00 4.49
N ARG A 97 43.78 19.25 4.71
CA ARG A 97 42.55 19.79 4.10
C ARG A 97 42.65 19.64 2.59
N ASN A 98 41.51 19.55 1.92
CA ASN A 98 41.47 19.25 0.47
C ASN A 98 40.41 20.08 -0.28
N LEU A 99 40.87 21.12 -0.97
CA LEU A 99 39.99 21.99 -1.76
C LEU A 99 40.04 21.74 -3.27
N SER A 100 40.70 20.68 -3.70
CA SER A 100 40.87 20.41 -5.11
C SER A 100 39.61 19.89 -5.81
N ASN A 101 38.70 19.24 -5.07
CA ASN A 101 37.52 18.60 -5.65
C ASN A 101 36.30 19.48 -5.63
N THR A 102 35.42 19.27 -6.62
CA THR A 102 34.19 20.06 -6.80
C THR A 102 32.97 19.16 -6.61
N ILE A 103 32.39 19.21 -5.41
CA ILE A 103 31.27 18.35 -5.05
C ILE A 103 29.97 19.11 -5.20
N VAL A 104 28.99 18.47 -5.82
CA VAL A 104 27.67 19.03 -6.03
C VAL A 104 26.67 18.15 -5.27
N HIS A 105 25.69 18.77 -4.63
CA HIS A 105 24.55 18.06 -4.08
C HIS A 105 23.32 18.54 -4.82
N ILE A 106 22.58 17.63 -5.44
CA ILE A 106 21.30 17.93 -6.09
C ILE A 106 20.22 17.44 -5.16
N ASP A 107 19.13 18.20 -5.09
CA ASP A 107 18.04 17.93 -4.15
C ASP A 107 16.77 18.46 -4.79
N MET A 108 15.82 17.56 -5.08
CA MET A 108 14.55 18.00 -5.66
C MET A 108 13.72 18.80 -4.65
N ASP A 109 12.95 19.75 -5.19
CA ASP A 109 12.11 20.64 -4.41
C ASP A 109 10.76 19.98 -4.19
N ALA A 110 10.28 20.01 -2.96
CA ALA A 110 8.97 19.46 -2.60
C ALA A 110 8.60 18.20 -3.40
N PHE A 111 9.51 17.23 -3.42
CA PHE A 111 9.53 16.20 -4.47
C PHE A 111 8.19 15.50 -4.75
N TYR A 112 7.68 14.74 -3.79
CA TYR A 112 6.44 14.01 -4.03
C TYR A 112 5.31 14.99 -4.35
N ALA A 113 5.30 16.16 -3.69
CA ALA A 113 4.30 17.21 -3.93
C ALA A 113 4.39 17.84 -5.31
N ALA A 114 5.60 18.21 -5.71
CA ALA A 114 5.87 18.71 -7.06
C ALA A 114 5.39 17.77 -8.14
N VAL A 115 5.65 16.48 -7.97
CA VAL A 115 5.24 15.48 -8.97
C VAL A 115 3.73 15.44 -9.08
N GLU A 116 3.05 15.42 -7.95
CA GLU A 116 1.59 15.41 -7.93
C GLU A 116 0.96 16.68 -8.47
N MET A 117 1.58 17.82 -8.18
CA MET A 117 1.16 19.12 -8.73
C MET A 117 1.29 19.17 -10.25
N ARG A 118 2.46 18.76 -10.75
CA ARG A 118 2.77 18.70 -12.18
C ARG A 118 1.65 18.05 -13.00
N ASP A 119 1.18 16.90 -12.54
CA ASP A 119 0.25 16.07 -13.29
C ASP A 119 -1.23 16.21 -12.90
N ASN A 120 -1.54 17.25 -12.12
CA ASN A 120 -2.89 17.59 -11.72
C ASN A 120 -2.96 19.11 -11.61
N PRO A 121 -3.20 19.82 -12.75
CA PRO A 121 -3.22 21.29 -12.83
C PRO A 121 -4.03 22.00 -11.76
N GLU A 122 -5.19 21.45 -11.42
CA GLU A 122 -6.06 21.99 -10.37
C GLU A 122 -5.32 22.31 -9.06
N LEU A 123 -4.40 21.43 -8.68
CA LEU A 123 -3.66 21.54 -7.41
C LEU A 123 -2.62 22.68 -7.37
N LYS A 124 -2.16 23.16 -8.52
CA LYS A 124 -1.22 24.29 -8.55
C LYS A 124 -1.86 25.53 -7.91
N ASP A 125 -1.05 26.35 -7.25
CA ASP A 125 -1.50 27.56 -6.52
C ASP A 125 -2.49 27.19 -5.40
N LYS A 126 -2.12 26.19 -4.61
CA LYS A 126 -3.01 25.62 -3.61
C LYS A 126 -2.19 24.75 -2.64
N PRO A 127 -2.54 24.75 -1.34
CA PRO A 127 -1.69 24.02 -0.39
C PRO A 127 -1.98 22.51 -0.41
N ILE A 128 -1.07 21.72 -0.99
CA ILE A 128 -1.18 20.25 -0.95
C ILE A 128 -0.16 19.59 -0.01
N ALA A 129 -0.42 18.32 0.30
CA ALA A 129 0.55 17.49 1.00
C ALA A 129 0.35 16.03 0.61
N VAL A 130 1.45 15.36 0.27
CA VAL A 130 1.37 13.94 -0.08
C VAL A 130 1.37 13.15 1.22
N GLY A 131 0.34 12.33 1.39
CA GLY A 131 0.24 11.47 2.56
C GLY A 131 -1.15 10.89 2.74
N SER A 132 -1.42 10.44 3.95
CA SER A 132 -2.75 10.05 4.37
C SER A 132 -3.15 10.95 5.51
N MET A 133 -4.29 10.66 6.12
CA MET A 133 -4.69 11.34 7.34
C MET A 133 -3.76 10.97 8.50
N SER A 134 -3.19 9.77 8.45
CA SER A 134 -2.27 9.29 9.49
C SER A 134 -0.89 9.92 9.41
N MET A 135 -0.41 10.24 8.20
CA MET A 135 0.97 10.73 8.05
C MET A 135 1.21 11.44 6.74
N LEU A 136 2.08 12.45 6.77
CA LEU A 136 2.46 13.20 5.59
C LEU A 136 3.96 13.01 5.27
N SER A 137 4.25 12.46 4.09
CA SER A 137 5.61 12.36 3.60
C SER A 137 6.19 13.76 3.41
N THR A 138 5.47 14.61 2.70
CA THR A 138 5.91 15.96 2.44
C THR A 138 4.74 16.87 2.12
N SER A 139 5.06 18.15 1.99
CA SER A 139 4.10 19.17 1.58
C SER A 139 4.78 20.18 0.69
N ASN A 140 4.00 20.83 -0.16
CA ASN A 140 4.54 21.90 -1.02
C ASN A 140 4.69 23.21 -0.26
N TYR A 141 5.40 24.15 -0.87
CA TYR A 141 5.78 25.40 -0.21
C TYR A 141 4.59 26.28 0.17
N HIS A 142 3.52 26.25 -0.62
CA HIS A 142 2.27 26.95 -0.30
C HIS A 142 1.73 26.46 1.05
N ALA A 143 1.73 25.15 1.24
CA ALA A 143 1.24 24.53 2.48
C ALA A 143 2.18 24.69 3.67
N ARG A 144 3.47 24.87 3.41
CA ARG A 144 4.46 25.07 4.48
C ARG A 144 4.34 26.42 5.23
N ARG A 145 3.82 27.45 4.55
CA ARG A 145 3.50 28.73 5.22
C ARG A 145 2.41 28.61 6.31
N PHE A 146 1.65 27.51 6.32
CA PHE A 146 0.72 27.18 7.41
C PHE A 146 1.33 26.23 8.45
N GLY A 147 2.64 25.95 8.32
CA GLY A 147 3.34 25.06 9.23
C GLY A 147 3.22 23.56 8.99
N VAL A 148 2.51 23.13 7.93
CA VAL A 148 2.36 21.69 7.64
C VAL A 148 3.66 21.21 7.00
N ARG A 149 4.19 20.09 7.50
CA ARG A 149 5.52 19.61 7.10
C ARG A 149 5.60 18.10 7.07
N ALA A 150 6.70 17.62 6.51
CA ALA A 150 7.08 16.21 6.55
C ALA A 150 7.02 15.66 7.97
N ALA A 151 6.50 14.45 8.12
CA ALA A 151 6.38 13.71 9.39
C ALA A 151 5.24 14.17 10.29
N MET A 152 4.46 15.16 9.86
CA MET A 152 3.25 15.53 10.58
C MET A 152 2.14 14.53 10.22
N PRO A 153 1.23 14.22 11.17
CA PRO A 153 0.04 13.49 10.76
C PRO A 153 -0.92 14.38 9.96
N GLY A 154 -1.80 13.74 9.19
CA GLY A 154 -2.75 14.47 8.37
C GLY A 154 -3.69 15.31 9.21
N PHE A 155 -4.39 14.67 10.15
CA PHE A 155 -5.45 15.33 10.94
C PHE A 155 -4.99 16.59 11.70
N ILE A 156 -3.73 16.62 12.12
CA ILE A 156 -3.12 17.82 12.68
C ILE A 156 -2.87 18.87 11.59
N ALA A 157 -2.38 18.45 10.42
CA ALA A 157 -2.17 19.37 9.30
C ALA A 157 -3.47 20.01 8.80
N LYS A 158 -4.60 19.33 8.96
CA LYS A 158 -5.93 19.87 8.59
C LYS A 158 -6.44 20.93 9.56
N ARG A 159 -6.16 20.77 10.85
CA ARG A 159 -6.45 21.82 11.84
C ARG A 159 -5.58 23.06 11.62
N LEU A 160 -4.32 22.85 11.25
CA LEU A 160 -3.42 23.96 10.85
C LEU A 160 -3.83 24.71 9.59
N CYS A 161 -4.63 24.07 8.73
CA CYS A 161 -4.92 24.57 7.39
C CYS A 161 -6.08 23.75 6.75
N PRO A 162 -7.35 24.15 7.00
CA PRO A 162 -8.48 23.36 6.46
C PRO A 162 -8.64 23.32 4.93
N GLN A 163 -7.95 24.18 4.19
CA GLN A 163 -7.95 24.15 2.72
C GLN A 163 -6.85 23.22 2.16
N LEU A 164 -6.18 22.48 3.05
CA LEU A 164 -5.17 21.50 2.64
C LEU A 164 -5.82 20.35 1.89
N ILE A 165 -5.30 20.08 0.70
CA ILE A 165 -5.66 18.89 -0.06
C ILE A 165 -4.58 17.83 0.20
N ILE A 166 -4.94 16.77 0.91
CA ILE A 166 -4.06 15.61 1.08
C ILE A 166 -4.29 14.68 -0.10
N VAL A 167 -3.21 14.22 -0.74
CA VAL A 167 -3.29 13.40 -1.96
C VAL A 167 -2.36 12.19 -1.83
N PRO A 168 -2.88 10.97 -2.08
CA PRO A 168 -2.06 9.78 -1.75
C PRO A 168 -0.78 9.65 -2.59
N PRO A 169 0.26 8.99 -2.04
CA PRO A 169 1.50 8.82 -2.79
C PRO A 169 1.40 7.78 -3.91
N ASN A 170 2.02 8.10 -5.04
CA ASN A 170 2.29 7.15 -6.13
C ASN A 170 3.79 6.93 -6.23
N PHE A 171 4.30 6.01 -5.43
CA PHE A 171 5.75 5.78 -5.32
C PHE A 171 6.41 5.36 -6.65
N ASP A 172 5.68 4.58 -7.45
CA ASP A 172 6.18 4.11 -8.75
C ASP A 172 6.46 5.25 -9.73
N LYS A 173 5.59 6.26 -9.76
CA LYS A 173 5.88 7.49 -10.48
C LYS A 173 7.13 8.19 -9.94
N TYR A 174 7.22 8.27 -8.62
CA TYR A 174 8.35 8.98 -7.99
C TYR A 174 9.64 8.25 -8.24
N ARG A 175 9.55 6.93 -8.30
CA ARG A 175 10.67 6.08 -8.68
C ARG A 175 11.04 6.30 -10.15
N ALA A 176 10.04 6.37 -11.02
CA ALA A 176 10.25 6.62 -12.45
C ALA A 176 10.86 7.99 -12.71
N VAL A 177 10.35 9.00 -12.03
CA VAL A 177 10.87 10.36 -12.13
C VAL A 177 12.33 10.39 -11.69
N SER A 178 12.63 9.79 -10.55
CA SER A 178 14.01 9.73 -10.05
C SER A 178 14.96 9.13 -11.09
N LYS A 179 14.51 8.08 -11.75
CA LYS A 179 15.30 7.42 -12.79
C LYS A 179 15.61 8.40 -13.92
N GLU A 180 14.67 9.27 -14.24
CA GLU A 180 14.89 10.33 -15.23
C GLU A 180 15.99 11.31 -14.85
N VAL A 181 16.13 11.64 -13.57
CA VAL A 181 17.16 12.63 -13.17
C VAL A 181 18.51 11.94 -13.04
N LYS A 182 18.54 10.72 -12.51
CA LYS A 182 19.79 9.95 -12.43
C LYS A 182 20.46 9.74 -13.81
N GLU A 183 19.64 9.67 -14.86
CA GLU A 183 20.14 9.65 -16.24
C GLU A 183 20.94 10.88 -16.63
N ILE A 184 20.46 12.06 -16.21
CA ILE A 184 21.18 13.32 -16.44
C ILE A 184 22.47 13.34 -15.60
N LEU A 185 22.33 13.11 -14.29
CA LEU A 185 23.46 13.15 -13.36
C LEU A 185 24.60 12.21 -13.75
N ALA A 186 24.30 11.11 -14.43
CA ALA A 186 25.31 10.15 -14.88
C ALA A 186 26.24 10.68 -15.98
N ASP A 187 25.80 11.70 -16.72
CA ASP A 187 26.66 12.33 -17.72
C ASP A 187 27.78 13.18 -17.14
N TYR A 188 27.61 13.64 -15.90
CA TYR A 188 28.58 14.52 -15.27
C TYR A 188 29.51 13.76 -14.35
N ASP A 189 28.95 12.89 -13.51
CA ASP A 189 29.73 11.94 -12.74
C ASP A 189 29.07 10.57 -12.91
N PRO A 190 29.72 9.65 -13.64
CA PRO A 190 29.13 8.30 -13.72
C PRO A 190 29.21 7.53 -12.40
N ASN A 191 30.08 7.95 -11.49
CA ASN A 191 30.16 7.38 -10.14
C ASN A 191 29.51 8.28 -9.09
N PHE A 192 28.36 8.83 -9.43
CA PHE A 192 27.57 9.68 -8.53
C PHE A 192 26.94 8.82 -7.45
N MET A 193 26.41 9.47 -6.43
CA MET A 193 25.91 8.79 -5.25
C MET A 193 24.48 9.16 -4.99
N ALA A 194 23.55 8.34 -5.48
CA ALA A 194 22.13 8.53 -5.20
C ALA A 194 21.81 8.20 -3.76
N MET A 195 21.69 9.23 -2.93
CA MET A 195 21.38 9.08 -1.51
C MET A 195 19.92 8.68 -1.22
N SER A 196 19.05 8.92 -2.19
CA SER A 196 17.62 8.73 -2.05
C SER A 196 17.04 8.77 -3.47
N LEU A 197 15.71 8.86 -3.59
CA LEU A 197 15.10 9.13 -4.88
C LEU A 197 15.43 10.54 -5.33
N ASP A 198 15.18 11.50 -4.46
CA ASP A 198 15.25 12.92 -4.79
C ASP A 198 16.63 13.58 -4.62
N GLU A 199 17.62 12.86 -4.09
CA GLU A 199 18.93 13.45 -3.76
C GLU A 199 20.10 12.65 -4.29
N ALA A 200 21.24 13.32 -4.42
CA ALA A 200 22.43 12.72 -5.02
C ALA A 200 23.64 13.61 -4.82
N TYR A 201 24.78 13.03 -4.46
CA TYR A 201 26.06 13.76 -4.49
C TYR A 201 26.76 13.43 -5.81
N LEU A 202 27.40 14.45 -6.39
CA LEU A 202 28.22 14.30 -7.59
C LEU A 202 29.61 14.79 -7.30
N ASN A 203 30.59 14.21 -7.98
CA ASN A 203 31.94 14.76 -8.04
C ASN A 203 32.27 15.13 -9.48
N ILE A 204 32.06 16.40 -9.80
CA ILE A 204 32.20 16.91 -11.17
C ILE A 204 33.62 17.38 -11.52
N THR A 205 34.62 16.95 -10.74
CA THR A 205 35.99 17.42 -10.93
C THR A 205 36.56 16.92 -12.25
N LYS A 206 36.47 15.61 -12.50
CA LYS A 206 36.90 15.07 -13.78
C LYS A 206 36.17 15.72 -14.95
N HIS A 207 34.86 15.96 -14.79
CA HIS A 207 34.06 16.60 -15.84
C HIS A 207 34.44 18.07 -16.08
N LEU A 208 34.73 18.81 -15.01
CA LEU A 208 35.12 20.22 -15.13
C LEU A 208 36.41 20.41 -15.93
N GLU A 209 37.38 19.50 -15.72
CA GLU A 209 38.64 19.50 -16.49
C GLU A 209 38.42 19.16 -17.98
N GLU A 210 37.60 18.13 -18.24
CA GLU A 210 37.22 17.78 -19.61
C GLU A 210 36.39 18.88 -20.30
N ARG A 211 35.50 19.53 -19.55
CA ARG A 211 34.62 20.58 -20.07
C ARG A 211 35.33 21.90 -20.39
N GLN A 212 36.53 22.10 -19.83
CA GLN A 212 37.28 23.36 -20.05
C GLN A 212 37.57 23.62 -21.53
N ASN A 213 37.84 22.54 -22.27
CA ASN A 213 38.19 22.61 -23.69
C ASN A 213 37.18 21.84 -24.55
N TRP A 214 35.91 22.21 -24.39
CA TRP A 214 34.79 21.64 -25.18
C TRP A 214 34.26 22.75 -26.09
N PRO A 215 33.82 22.39 -27.30
CA PRO A 215 33.13 23.39 -28.15
C PRO A 215 31.70 23.65 -27.68
N GLU A 216 31.09 24.72 -28.19
CA GLU A 216 29.69 25.04 -27.84
C GLU A 216 28.66 23.98 -28.26
N ASP A 217 29.03 23.13 -29.24
CA ASP A 217 28.18 21.99 -29.64
C ASP A 217 27.95 20.99 -28.50
N LYS A 218 29.02 20.66 -27.77
CA LYS A 218 28.94 19.68 -26.65
C LYS A 218 28.20 20.19 -25.40
N ARG A 219 27.86 21.48 -25.34
CA ARG A 219 27.15 22.04 -24.18
C ARG A 219 26.05 23.05 -24.57
N ARG A 220 25.32 22.68 -25.62
CA ARG A 220 24.10 23.38 -26.07
C ARG A 220 22.89 22.49 -25.79
N TYR A 221 21.78 23.08 -25.36
CA TYR A 221 20.55 22.34 -25.08
C TYR A 221 19.31 23.13 -25.46
N PHE A 222 18.33 22.43 -26.04
CA PHE A 222 17.17 23.05 -26.69
C PHE A 222 16.00 23.11 -25.70
N ILE A 223 15.10 24.06 -25.90
CA ILE A 223 13.95 24.30 -24.98
C ILE A 223 12.66 23.58 -25.43
N LYS A 224 12.00 22.89 -24.48
CA LYS A 224 10.81 22.08 -24.75
C LYS A 224 9.54 22.82 -24.29
N ASN A 282 15.27 27.98 -30.90
CA ASN A 282 15.11 27.63 -29.49
C ASN A 282 16.30 26.81 -28.98
N SER A 283 17.40 27.51 -28.63
CA SER A 283 18.68 26.88 -28.22
C SER A 283 19.46 27.74 -27.24
N VAL A 284 20.19 27.06 -26.35
CA VAL A 284 20.84 27.68 -25.17
C VAL A 284 22.19 27.01 -24.91
N VAL A 285 23.23 27.78 -24.56
CA VAL A 285 24.51 27.19 -24.15
C VAL A 285 24.90 27.58 -22.74
N PHE A 286 25.66 26.70 -22.10
CA PHE A 286 26.07 26.88 -20.72
C PHE A 286 27.56 26.92 -20.69
N GLY A 287 28.10 27.69 -19.75
CA GLY A 287 29.52 27.95 -19.68
C GLY A 287 30.45 26.80 -19.35
N THR A 288 31.65 27.18 -18.95
CA THR A 288 32.72 26.26 -18.60
C THR A 288 32.91 26.13 -17.07
N SER A 289 32.27 27.02 -16.29
CA SER A 289 32.42 27.04 -14.84
C SER A 289 31.59 25.95 -14.18
N ALA A 290 31.82 25.75 -12.88
CA ALA A 290 31.07 24.81 -12.06
C ALA A 290 29.63 25.30 -11.82
N GLN A 291 29.49 26.59 -11.49
CA GLN A 291 28.18 27.26 -11.44
C GLN A 291 27.36 26.93 -12.68
N GLU A 292 28.00 27.03 -13.83
CA GLU A 292 27.35 26.80 -15.12
C GLU A 292 27.01 25.32 -15.38
N VAL A 293 27.91 24.40 -15.02
CA VAL A 293 27.60 22.95 -15.07
C VAL A 293 26.31 22.65 -14.29
N VAL A 294 26.26 23.14 -13.05
CA VAL A 294 25.09 22.95 -12.20
C VAL A 294 23.84 23.68 -12.73
N LYS A 295 24.01 24.82 -13.41
CA LYS A 295 22.89 25.47 -14.09
C LYS A 295 22.36 24.65 -15.26
N GLU A 296 23.26 24.00 -16.00
CA GLU A 296 22.89 23.08 -17.09
C GLU A 296 22.11 21.85 -16.56
N ILE A 297 22.66 21.24 -15.50
CA ILE A 297 22.02 20.12 -14.81
C ILE A 297 20.60 20.48 -14.37
N ARG A 298 20.46 21.60 -13.70
CA ARG A 298 19.15 22.02 -13.18
C ARG A 298 18.24 22.37 -14.32
N PHE A 299 18.77 23.03 -15.34
CA PHE A 299 18.01 23.27 -16.58
C PHE A 299 17.48 21.96 -17.18
N ARG A 300 18.38 21.00 -17.37
CA ARG A 300 18.08 19.72 -18.02
C ARG A 300 17.05 18.87 -17.28
N ILE A 301 17.13 18.90 -15.96
CA ILE A 301 16.12 18.28 -15.12
C ILE A 301 14.75 18.90 -15.38
N GLU A 302 14.69 20.23 -15.47
CA GLU A 302 13.43 20.95 -15.71
C GLU A 302 12.79 20.60 -17.07
N GLN A 303 13.61 20.51 -18.13
CA GLN A 303 13.12 20.08 -19.45
C GLN A 303 12.62 18.64 -19.43
N LYS A 304 13.35 17.75 -18.76
CA LYS A 304 13.04 16.32 -18.75
C LYS A 304 11.88 15.92 -17.85
N THR A 305 11.76 16.58 -16.71
CA THR A 305 10.78 16.19 -15.70
C THR A 305 9.71 17.24 -15.39
N THR A 306 9.89 18.46 -15.89
CA THR A 306 9.05 19.63 -15.50
C THR A 306 9.09 19.94 -14.01
N LEU A 307 10.20 19.60 -13.35
CA LEU A 307 10.37 19.74 -11.91
C LEU A 307 11.62 20.53 -11.63
N THR A 308 11.57 21.36 -10.60
CA THR A 308 12.71 22.13 -10.19
C THR A 308 13.48 21.35 -9.15
N ALA A 309 14.77 21.66 -9.07
CA ALA A 309 15.68 21.08 -8.09
C ALA A 309 16.60 22.17 -7.60
N SER A 310 17.12 22.00 -6.40
CA SER A 310 18.17 22.90 -5.91
C SER A 310 19.49 22.17 -5.78
N ALA A 311 20.58 22.95 -5.66
CA ALA A 311 21.92 22.38 -5.75
C ALA A 311 23.01 23.16 -5.01
N GLY A 312 23.81 22.47 -4.20
CA GLY A 312 24.97 23.09 -3.57
C GLY A 312 26.29 22.73 -4.25
N ILE A 313 27.21 23.68 -4.24
CA ILE A 313 28.56 23.47 -4.78
C ILE A 313 29.57 23.85 -3.69
N ALA A 314 30.58 23.00 -3.51
CA ALA A 314 31.52 23.15 -2.40
C ALA A 314 32.60 22.09 -2.52
N PRO A 315 33.74 22.29 -1.83
CA PRO A 315 34.84 21.33 -1.99
C PRO A 315 34.65 19.98 -1.27
N ASN A 316 33.65 19.85 -0.40
CA ASN A 316 33.29 18.53 0.17
C ASN A 316 31.80 18.29 0.32
N THR A 317 31.44 17.05 0.60
CA THR A 317 30.03 16.67 0.67
C THR A 317 29.27 17.37 1.79
N MET A 318 29.89 17.49 2.96
CA MET A 318 29.25 18.09 4.13
C MET A 318 28.81 19.52 3.87
N LEU A 319 29.69 20.29 3.24
CA LEU A 319 29.39 21.69 2.90
C LEU A 319 28.32 21.76 1.83
N ALA A 320 28.54 21.02 0.74
CA ALA A 320 27.62 20.95 -0.40
C ALA A 320 26.18 20.71 -0.02
N LYS A 321 25.95 19.75 0.89
CA LYS A 321 24.62 19.46 1.42
C LYS A 321 23.96 20.67 2.06
N VAL A 322 24.75 21.50 2.74
CA VAL A 322 24.22 22.68 3.44
C VAL A 322 23.90 23.82 2.48
N CYS A 323 24.79 24.10 1.52
CA CYS A 323 24.50 25.12 0.51
C CYS A 323 23.47 24.69 -0.55
N SER A 324 23.14 23.40 -0.60
CA SER A 324 21.98 22.93 -1.34
C SER A 324 20.68 23.46 -0.72
N ASP A 325 20.64 23.49 0.61
CA ASP A 325 19.49 24.03 1.35
C ASP A 325 19.41 25.56 1.26
N LYS A 326 20.56 26.22 1.15
CA LYS A 326 20.67 27.69 1.15
C LYS A 326 19.59 28.40 0.33
N ASN A 327 19.63 28.23 -0.99
CA ASN A 327 18.74 28.96 -1.93
C ASN A 327 17.64 28.08 -2.51
N LYS A 328 17.00 27.30 -1.65
CA LYS A 328 15.90 26.43 -2.03
C LYS A 328 14.60 27.22 -1.87
N PRO A 329 13.61 27.09 -2.77
CA PRO A 329 13.63 26.19 -3.93
C PRO A 329 14.20 26.82 -5.17
N ASN A 330 14.59 25.95 -6.10
CA ASN A 330 15.00 26.33 -7.46
C ASN A 330 16.20 27.26 -7.53
N GLY A 331 17.22 26.96 -6.72
CA GLY A 331 18.43 27.76 -6.73
C GLY A 331 19.67 27.00 -6.36
N GLN A 332 20.79 27.69 -6.47
CA GLN A 332 22.10 27.14 -6.20
C GLN A 332 22.83 28.00 -5.20
N TYR A 333 23.97 27.48 -4.76
CA TYR A 333 24.99 28.24 -4.05
C TYR A 333 26.33 27.54 -4.25
N GLN A 334 27.38 28.33 -4.45
CA GLN A 334 28.74 27.81 -4.48
C GLN A 334 29.58 28.42 -3.36
N ILE A 335 30.24 27.55 -2.61
CA ILE A 335 31.32 27.92 -1.73
C ILE A 335 32.60 27.66 -2.53
N LEU A 336 33.26 28.74 -2.95
CA LEU A 336 34.46 28.67 -3.80
C LEU A 336 35.59 27.92 -3.08
N PRO A 337 36.51 27.29 -3.84
CA PRO A 337 37.49 26.41 -3.22
C PRO A 337 38.71 27.15 -2.64
N ASN A 338 38.48 27.87 -1.54
CA ASN A 338 39.53 28.52 -0.78
C ASN A 338 39.14 28.58 0.71
N ARG A 339 40.13 28.38 1.58
CA ARG A 339 39.91 28.23 3.02
C ARG A 339 39.09 29.37 3.62
N GLN A 340 39.36 30.59 3.18
CA GLN A 340 38.70 31.77 3.73
C GLN A 340 37.21 31.76 3.46
N ALA A 341 36.84 31.43 2.22
CA ALA A 341 35.43 31.34 1.80
C ALA A 341 34.66 30.25 2.57
N VAL A 342 35.33 29.13 2.82
CA VAL A 342 34.76 28.04 3.61
C VAL A 342 34.41 28.58 4.98
N MET A 343 35.40 29.16 5.65
CA MET A 343 35.26 29.66 7.02
C MET A 343 34.22 30.77 7.21
N ASP A 344 34.07 31.66 6.23
CA ASP A 344 33.05 32.70 6.29
C ASP A 344 31.63 32.13 6.24
N PHE A 345 31.47 31.04 5.48
CA PHE A 345 30.19 30.33 5.41
C PHE A 345 29.88 29.65 6.72
N ILE A 346 30.85 28.86 7.18
CA ILE A 346 30.80 28.17 8.48
C ILE A 346 30.51 29.13 9.63
N LYS A 347 31.27 30.23 9.68
CA LYS A 347 31.29 31.21 10.79
C LYS A 347 29.99 31.37 11.60
N ASP A 348 28.88 31.62 10.92
CA ASP A 348 27.61 31.90 11.59
C ASP A 348 26.56 30.83 11.33
N LEU A 349 27.01 29.65 10.88
CA LEU A 349 26.12 28.59 10.44
C LEU A 349 25.56 27.84 11.64
N PRO A 350 24.23 27.78 11.76
CA PRO A 350 23.65 26.95 12.83
C PRO A 350 23.96 25.47 12.63
N ILE A 351 24.40 24.79 13.70
CA ILE A 351 24.82 23.38 13.59
C ILE A 351 23.71 22.41 13.18
N ARG A 352 22.45 22.74 13.48
CA ARG A 352 21.28 21.93 13.06
C ARG A 352 21.22 21.63 11.55
N LYS A 353 21.58 22.66 10.76
CA LYS A 353 21.56 22.59 9.30
C LYS A 353 22.61 21.63 8.70
N VAL A 354 23.61 21.26 9.50
CA VAL A 354 24.52 20.18 9.11
C VAL A 354 23.78 18.83 9.19
N SER A 355 23.99 18.02 8.15
CA SER A 355 23.40 16.71 8.04
C SER A 355 24.07 15.82 9.08
N GLY A 356 23.28 15.20 9.95
CA GLY A 356 23.81 14.36 11.01
C GLY A 356 23.70 14.96 12.40
N ILE A 357 23.69 16.29 12.50
CA ILE A 357 23.28 16.98 13.72
C ILE A 357 21.77 17.16 13.63
N GLY A 358 21.02 16.53 14.53
CA GLY A 358 19.57 16.64 14.51
C GLY A 358 19.02 17.29 15.75
N LYS A 359 17.73 17.05 15.98
CA LYS A 359 16.96 17.68 17.04
C LYS A 359 17.65 17.57 18.39
N VAL A 360 17.98 16.35 18.80
CA VAL A 360 18.53 16.08 20.14
C VAL A 360 19.90 16.75 20.34
N THR A 361 20.86 16.39 19.51
CA THR A 361 22.22 16.98 19.56
C THR A 361 22.18 18.50 19.61
N GLU A 362 21.28 19.12 18.83
CA GLU A 362 21.09 20.57 18.86
C GLU A 362 20.77 21.03 20.29
N LYS A 363 19.74 20.42 20.89
CA LYS A 363 19.32 20.76 22.25
C LYS A 363 20.41 20.52 23.31
N MET A 364 21.20 19.47 23.13
CA MET A 364 22.29 19.13 24.07
C MET A 364 23.43 20.14 23.97
N LEU A 365 23.90 20.38 22.75
CA LEU A 365 24.94 21.40 22.51
C LEU A 365 24.44 22.81 22.85
N LYS A 366 23.15 23.07 22.64
CA LYS A 366 22.53 24.34 23.01
C LYS A 366 22.58 24.59 24.52
N ALA A 367 22.47 23.54 25.32
CA ALA A 367 22.65 23.65 26.77
C ALA A 367 24.07 24.05 27.21
N LEU A 368 25.05 23.89 26.32
CA LEU A 368 26.41 24.43 26.51
C LEU A 368 26.61 25.83 25.90
N GLY A 369 25.55 26.44 25.40
CA GLY A 369 25.65 27.71 24.66
C GLY A 369 26.27 27.62 23.28
N ILE A 370 26.15 26.45 22.63
CA ILE A 370 26.62 26.24 21.25
C ILE A 370 25.41 26.20 20.32
N ILE A 371 25.30 27.22 19.46
CA ILE A 371 24.29 27.25 18.40
C ILE A 371 24.93 27.36 17.01
N THR A 372 25.98 28.18 16.86
CA THR A 372 26.70 28.33 15.59
C THR A 372 27.87 27.36 15.50
N CYS A 373 28.53 27.33 14.35
CA CYS A 373 29.70 26.47 14.12
C CYS A 373 30.97 26.98 14.77
N THR A 374 31.15 28.31 14.82
CA THR A 374 32.34 28.86 15.49
C THR A 374 32.36 28.51 16.98
N GLU A 375 31.19 28.49 17.60
CA GLU A 375 31.04 28.14 19.01
C GLU A 375 31.42 26.67 19.24
N LEU A 376 31.05 25.82 18.29
CA LEU A 376 31.48 24.42 18.28
C LEU A 376 33.01 24.26 18.21
N TYR A 377 33.68 25.23 17.58
CA TYR A 377 35.15 25.28 17.55
C TYR A 377 35.72 25.76 18.87
N GLN A 378 35.26 26.91 19.35
CA GLN A 378 35.74 27.49 20.62
C GLN A 378 35.72 26.50 21.78
N GLN A 379 34.65 25.73 21.87
CA GLN A 379 34.42 24.78 22.95
C GLN A 379 35.00 23.38 22.68
N ARG A 380 35.82 23.24 21.65
CA ARG A 380 36.31 21.93 21.21
C ARG A 380 36.97 21.09 22.30
N ALA A 381 37.71 21.75 23.18
CA ALA A 381 38.39 21.06 24.27
C ALA A 381 37.37 20.47 25.26
N LEU A 382 36.53 21.33 25.84
CA LEU A 382 35.41 20.90 26.69
C LEU A 382 34.69 19.70 26.10
N LEU A 383 34.36 19.81 24.81
CA LEU A 383 33.68 18.75 24.06
C LEU A 383 34.45 17.44 23.98
N SER A 384 35.78 17.50 23.98
CA SER A 384 36.60 16.28 23.95
C SER A 384 36.50 15.44 25.23
N LEU A 385 36.07 16.08 26.32
CA LEU A 385 35.87 15.41 27.59
C LEU A 385 34.42 14.94 27.79
N LEU A 386 33.44 15.74 27.37
CA LEU A 386 32.01 15.34 27.50
C LEU A 386 31.54 14.28 26.51
N PHE A 387 32.18 14.18 25.35
CA PHE A 387 31.73 13.30 24.26
C PHE A 387 32.78 12.27 23.88
N SER A 388 32.33 11.16 23.32
CA SER A 388 33.20 10.08 22.89
C SER A 388 34.10 10.53 21.76
N GLU A 389 35.12 9.72 21.46
CA GLU A 389 36.14 10.06 20.48
C GLU A 389 35.53 10.38 19.12
N THR A 390 34.78 9.45 18.55
CA THR A 390 34.18 9.67 17.22
C THR A 390 33.24 10.88 17.18
N SER A 391 32.51 11.11 18.28
CA SER A 391 31.54 12.21 18.35
C SER A 391 32.16 13.60 18.32
N TRP A 392 33.30 13.81 19.00
CA TRP A 392 34.02 15.08 18.91
C TRP A 392 34.94 15.13 17.70
N HIS A 393 35.41 13.97 17.24
CA HIS A 393 36.10 13.86 15.94
C HIS A 393 35.20 14.35 14.79
N TYR A 394 33.91 14.02 14.88
CA TYR A 394 32.89 14.54 13.97
C TYR A 394 32.73 16.06 14.16
N PHE A 395 32.43 16.49 15.39
CA PHE A 395 32.24 17.93 15.70
C PHE A 395 33.42 18.80 15.27
N LEU A 396 34.63 18.24 15.26
CA LEU A 396 35.79 19.00 14.81
C LEU A 396 35.85 19.13 13.28
N HIS A 397 35.43 18.07 12.56
CA HIS A 397 35.26 18.16 11.11
C HIS A 397 34.25 19.26 10.77
N ILE A 398 33.14 19.33 11.50
CA ILE A 398 32.09 20.34 11.28
C ILE A 398 32.60 21.76 11.50
N SER A 399 33.37 21.94 12.57
CA SER A 399 33.89 23.24 12.96
C SER A 399 34.95 23.77 11.99
N LEU A 400 35.73 22.87 11.43
CA LEU A 400 36.73 23.23 10.42
C LEU A 400 36.22 23.19 8.97
N GLY A 401 34.90 23.10 8.78
CA GLY A 401 34.31 22.99 7.45
C GLY A 401 34.70 21.78 6.61
N LEU A 402 35.16 20.71 7.25
CA LEU A 402 35.66 19.53 6.55
C LEU A 402 34.56 18.49 6.34
N GLY A 403 34.88 17.51 5.51
CA GLY A 403 33.94 16.45 5.18
C GLY A 403 34.50 15.57 4.07
N SER A 404 33.67 14.68 3.57
CA SER A 404 34.07 13.70 2.58
C SER A 404 34.34 14.38 1.21
N THR A 405 35.45 14.02 0.58
CA THR A 405 35.87 14.59 -0.71
C THR A 405 36.02 13.58 -1.85
N HIS A 406 35.54 12.36 -1.65
CA HIS A 406 35.37 11.39 -2.73
C HIS A 406 34.19 10.48 -2.38
N LEU A 407 33.39 10.12 -3.37
CA LEU A 407 32.15 9.41 -3.13
C LEU A 407 32.42 7.91 -3.27
N THR A 408 32.26 7.18 -2.16
CA THR A 408 32.55 5.74 -2.10
C THR A 408 31.36 4.89 -2.55
N ARG A 409 31.37 4.47 -3.83
CA ARG A 409 30.29 3.67 -4.45
C ARG A 409 29.47 2.87 -3.43
N ASP A 410 28.25 3.33 -3.17
CA ASP A 410 27.36 2.80 -2.11
C ASP A 410 27.57 1.32 -1.79
N GLY A 411 27.99 1.02 -0.56
CA GLY A 411 28.35 -0.34 -0.13
C GLY A 411 27.17 -1.31 0.01
N GLU A 412 27.48 -2.60 0.15
CA GLU A 412 26.47 -3.65 0.29
C GLU A 412 25.75 -3.55 1.63
N ARG A 413 24.46 -3.91 1.64
CA ARG A 413 23.60 -3.70 2.82
C ARG A 413 23.99 -4.57 4.02
N LYS A 414 23.61 -4.11 5.20
CA LYS A 414 23.85 -4.82 6.45
C LYS A 414 22.58 -5.45 7.00
N SER A 415 21.41 -4.95 6.61
CA SER A 415 20.15 -5.54 7.05
C SER A 415 18.99 -5.26 6.11
N MET A 416 17.93 -6.03 6.31
CA MET A 416 16.70 -5.91 5.55
C MET A 416 15.54 -6.12 6.53
N SER A 417 14.43 -5.42 6.31
CA SER A 417 13.36 -5.37 7.30
C SER A 417 12.02 -5.00 6.71
N VAL A 418 10.97 -5.35 7.44
CA VAL A 418 9.62 -4.97 7.09
C VAL A 418 8.79 -4.86 8.35
N GLU A 419 7.96 -3.82 8.40
CA GLU A 419 7.16 -3.52 9.57
C GLU A 419 5.88 -2.81 9.17
N ARG A 420 4.84 -3.01 9.95
CA ARG A 420 3.52 -2.54 9.59
C ARG A 420 2.81 -1.95 10.81
N THR A 421 2.13 -0.83 10.60
CA THR A 421 1.23 -0.24 11.59
C THR A 421 -0.19 -0.68 11.28
N PHE A 422 -1.02 -0.75 12.33
CA PHE A 422 -2.43 -1.13 12.20
C PHE A 422 -3.22 -0.65 13.41
N SER A 423 -4.54 -0.62 13.27
CA SER A 423 -5.43 -0.54 14.42
C SER A 423 -5.15 -1.76 15.32
N GLU A 424 -5.49 -1.64 16.60
CA GLU A 424 -4.98 -2.56 17.62
C GLU A 424 -5.13 -4.04 17.28
N ILE A 425 -4.08 -4.80 17.55
CA ILE A 425 -4.14 -6.24 17.60
C ILE A 425 -3.83 -6.63 19.05
N ASN A 426 -4.57 -7.60 19.58
CA ASN A 426 -4.27 -8.13 20.94
C ASN A 426 -4.46 -9.64 21.18
N LYS A 427 -5.21 -10.34 20.32
CA LYS A 427 -5.33 -11.80 20.43
C LYS A 427 -4.02 -12.45 20.00
N ALA A 428 -3.47 -13.30 20.85
CA ALA A 428 -2.18 -13.93 20.59
C ALA A 428 -2.08 -14.62 19.23
N GLU A 429 -3.10 -15.39 18.84
CA GLU A 429 -3.08 -16.13 17.56
C GLU A 429 -3.07 -15.23 16.33
N GLU A 430 -3.69 -14.05 16.41
CA GLU A 430 -3.59 -13.03 15.36
C GLU A 430 -2.16 -12.50 15.21
N GLN A 431 -1.52 -12.22 16.36
CA GLN A 431 -0.16 -11.66 16.37
C GLN A 431 0.85 -12.61 15.75
N TYR A 432 0.70 -13.91 16.03
CA TYR A 432 1.53 -14.92 15.39
C TYR A 432 1.27 -14.94 13.89
N SER A 433 -0.01 -14.97 13.50
CA SER A 433 -0.40 -14.95 12.09
C SER A 433 0.23 -13.76 11.38
N LEU A 434 0.17 -12.60 12.04
CA LEU A 434 0.73 -11.37 11.50
C LEU A 434 2.24 -11.42 11.35
N CYS A 435 2.91 -11.97 12.35
CA CYS A 435 4.36 -12.18 12.32
C CYS A 435 4.75 -13.08 11.14
N GLN A 436 4.10 -14.24 11.05
CA GLN A 436 4.27 -15.20 9.94
C GLN A 436 4.19 -14.50 8.59
N GLU A 437 3.20 -13.62 8.43
CA GLU A 437 3.03 -12.81 7.22
C GLU A 437 4.23 -11.92 6.96
N LEU A 438 4.71 -11.24 8.00
CA LEU A 438 5.89 -10.38 7.86
C LEU A 438 7.14 -11.19 7.52
N CYS A 439 7.29 -12.33 8.17
CA CYS A 439 8.42 -13.22 7.91
C CYS A 439 8.40 -13.77 6.49
N SER A 440 7.21 -13.86 5.89
CA SER A 440 7.07 -14.24 4.48
C SER A 440 7.52 -13.15 3.53
N GLU A 441 7.03 -11.92 3.76
CA GLU A 441 7.41 -10.77 2.93
C GLU A 441 8.91 -10.55 2.95
N LEU A 442 9.48 -10.58 4.15
CA LEU A 442 10.92 -10.46 4.35
C LEU A 442 11.71 -11.57 3.62
N ALA A 443 11.16 -12.78 3.60
CA ALA A 443 11.76 -13.90 2.85
C ALA A 443 11.70 -13.67 1.35
N GLN A 444 10.53 -13.27 0.84
CA GLN A 444 10.38 -12.83 -0.55
C GLN A 444 11.43 -11.78 -0.99
N ASP A 445 11.60 -10.74 -0.15
CA ASP A 445 12.56 -9.65 -0.42
C ASP A 445 14.00 -10.15 -0.48
N LEU A 446 14.37 -10.98 0.48
CA LEU A 446 15.69 -11.62 0.49
C LEU A 446 15.90 -12.45 -0.78
N GLN A 447 14.86 -13.16 -1.18
CA GLN A 447 14.85 -13.94 -2.43
C GLN A 447 15.28 -13.06 -3.62
N LYS A 448 14.71 -11.86 -3.71
CA LYS A 448 15.00 -10.93 -4.81
C LYS A 448 16.46 -10.49 -4.90
N GLU A 449 17.13 -10.34 -3.75
CA GLU A 449 18.54 -9.94 -3.71
C GLU A 449 19.51 -11.08 -3.35
N ARG A 450 18.99 -12.30 -3.17
CA ARG A 450 19.75 -13.49 -2.74
C ARG A 450 20.65 -13.21 -1.54
N LEU A 451 20.03 -13.12 -0.36
CA LEU A 451 20.72 -12.82 0.88
C LEU A 451 20.26 -13.77 1.98
N LYS A 452 21.18 -14.19 2.83
CA LYS A 452 20.90 -15.14 3.90
C LYS A 452 21.62 -14.71 5.18
N GLY A 453 20.85 -14.39 6.22
CA GLY A 453 21.37 -13.76 7.44
C GLY A 453 21.30 -14.66 8.64
N ARG A 454 22.07 -14.30 9.67
CA ARG A 454 22.18 -15.09 10.90
C ARG A 454 21.39 -14.55 12.09
N THR A 455 21.00 -13.27 12.03
CA THR A 455 20.33 -12.59 13.14
C THR A 455 18.92 -12.24 12.72
N VAL A 456 17.96 -12.50 13.61
CA VAL A 456 16.55 -12.17 13.41
C VAL A 456 16.11 -11.31 14.57
N THR A 457 15.37 -10.24 14.28
CA THR A 457 15.05 -9.19 15.24
C THR A 457 13.61 -8.72 15.14
N ILE A 458 12.75 -9.11 16.08
CA ILE A 458 11.39 -8.57 16.08
C ILE A 458 11.35 -7.18 16.72
N LYS A 459 10.29 -6.44 16.39
CA LYS A 459 10.09 -5.09 16.86
C LYS A 459 8.61 -4.99 17.13
N LEU A 460 8.25 -4.61 18.35
CA LEU A 460 6.87 -4.53 18.76
C LEU A 460 6.68 -3.15 19.32
N LYS A 461 5.56 -2.53 18.99
CA LYS A 461 5.25 -1.23 19.53
C LYS A 461 3.82 -1.28 19.99
N ASN A 462 3.61 -1.05 21.28
CA ASN A 462 2.27 -1.04 21.91
C ASN A 462 1.49 0.26 21.74
N VAL A 463 0.20 0.23 22.07
CA VAL A 463 -0.70 1.38 21.90
C VAL A 463 -0.29 2.68 22.62
N ASN A 464 0.64 2.61 23.57
CA ASN A 464 1.29 3.80 24.15
C ASN A 464 2.62 4.17 23.48
N PHE A 465 2.86 3.67 22.28
CA PHE A 465 4.05 3.99 21.47
C PHE A 465 5.38 3.61 22.12
N GLU A 466 5.38 2.56 22.93
CA GLU A 466 6.58 2.11 23.61
C GLU A 466 7.13 0.94 22.82
N VAL A 467 8.33 1.12 22.27
CA VAL A 467 8.93 0.17 21.35
C VAL A 467 9.86 -0.77 22.09
N LYS A 468 9.71 -2.07 21.83
CA LYS A 468 10.68 -3.09 22.23
C LYS A 468 11.30 -3.70 20.99
N THR A 469 12.52 -4.20 21.15
CA THR A 469 13.26 -4.88 20.08
C THR A 469 13.82 -6.15 20.70
N ARG A 470 13.53 -7.29 20.10
CA ARG A 470 14.00 -8.56 20.64
C ARG A 470 14.68 -9.36 19.54
N ALA A 471 15.92 -9.78 19.78
CA ALA A 471 16.80 -10.31 18.74
C ALA A 471 17.33 -11.70 19.06
N SER A 472 17.88 -12.36 18.04
CA SER A 472 18.41 -13.71 18.22
C SER A 472 19.31 -14.14 17.06
N THR A 473 20.56 -14.46 17.36
CA THR A 473 21.55 -14.85 16.37
C THR A 473 21.80 -16.35 16.41
N VAL A 474 21.94 -16.95 15.23
CA VAL A 474 21.92 -18.40 15.03
C VAL A 474 23.20 -18.82 14.30
N SER A 475 23.63 -20.07 14.52
CA SER A 475 24.85 -20.61 13.88
C SER A 475 24.80 -20.60 12.34
N SER A 476 23.87 -21.36 11.76
CA SER A 476 23.68 -21.42 10.30
C SER A 476 22.81 -20.26 9.79
N VAL A 477 23.08 -19.76 8.59
CA VAL A 477 22.26 -18.66 8.02
C VAL A 477 20.85 -19.15 7.75
N VAL A 478 19.91 -18.20 7.69
CA VAL A 478 18.51 -18.48 7.40
C VAL A 478 17.99 -17.49 6.34
N SER A 479 16.87 -17.85 5.71
CA SER A 479 16.40 -17.16 4.50
C SER A 479 14.93 -17.38 4.12
N THR A 480 14.43 -18.61 4.30
CA THR A 480 13.05 -18.96 3.93
C THR A 480 12.07 -18.50 5.01
N ALA A 481 10.83 -18.28 4.59
CA ALA A 481 9.74 -17.77 5.45
C ALA A 481 9.53 -18.59 6.75
N GLU A 482 9.82 -19.88 6.66
CA GLU A 482 9.65 -20.81 7.78
C GLU A 482 10.77 -20.65 8.80
N GLU A 483 12.02 -20.57 8.29
CA GLU A 483 13.22 -20.49 9.13
C GLU A 483 13.26 -19.21 9.95
N ILE A 484 12.93 -18.10 9.29
CA ILE A 484 12.79 -16.81 9.94
C ILE A 484 11.70 -16.91 10.99
N PHE A 485 10.49 -17.32 10.56
CA PHE A 485 9.34 -17.40 11.46
C PHE A 485 9.61 -18.30 12.67
N ALA A 486 10.32 -19.39 12.44
CA ALA A 486 10.75 -20.29 13.53
C ALA A 486 11.38 -19.53 14.70
N ILE A 487 12.28 -18.60 14.35
CA ILE A 487 13.03 -17.81 15.33
C ILE A 487 12.18 -16.66 15.90
N ALA A 488 11.52 -15.91 15.01
CA ALA A 488 10.65 -14.80 15.41
C ALA A 488 9.45 -15.23 16.27
N LYS A 489 8.96 -16.45 16.02
CA LYS A 489 7.89 -17.07 16.83
C LYS A 489 8.27 -17.12 18.33
N GLU A 490 9.49 -17.59 18.61
CA GLU A 490 9.97 -17.76 19.99
C GLU A 490 10.21 -16.46 20.73
N LEU A 491 10.75 -15.48 20.02
CA LEU A 491 10.97 -14.15 20.57
C LEU A 491 9.65 -13.48 20.97
N LEU A 492 8.65 -13.63 20.10
CA LEU A 492 7.30 -13.13 20.38
C LEU A 492 6.60 -13.96 21.46
N LYS A 493 6.88 -15.26 21.53
CA LYS A 493 6.41 -16.12 22.64
C LYS A 493 6.87 -15.56 23.98
N THR A 494 8.17 -15.32 24.10
CA THR A 494 8.74 -14.75 25.32
C THR A 494 8.04 -13.45 25.74
N GLU A 495 7.65 -12.63 24.76
CA GLU A 495 7.01 -11.33 25.02
C GLU A 495 5.55 -11.41 25.49
N ILE A 496 4.74 -12.27 24.85
CA ILE A 496 3.37 -12.50 25.34
C ILE A 496 3.41 -13.18 26.70
N ASP A 497 4.35 -14.12 26.86
CA ASP A 497 4.48 -14.89 28.11
C ASP A 497 4.96 -13.99 29.26
N ALA A 498 5.85 -13.05 28.97
CA ALA A 498 6.33 -12.09 29.97
C ALA A 498 5.21 -11.20 30.55
N ASP A 499 4.34 -10.67 29.68
CA ASP A 499 3.22 -9.82 30.10
C ASP A 499 2.01 -10.61 30.60
N PHE A 500 1.95 -11.92 30.29
CA PHE A 500 0.90 -12.84 30.76
C PHE A 500 0.64 -12.71 32.28
N PRO A 501 -0.62 -12.71 32.74
CA PRO A 501 -1.84 -13.00 31.97
C PRO A 501 -2.40 -11.87 31.09
N HIS A 502 -1.76 -10.70 31.07
CA HIS A 502 -2.20 -9.56 30.24
C HIS A 502 -1.76 -9.78 28.78
N PRO A 503 -2.56 -9.32 27.80
CA PRO A 503 -2.20 -9.47 26.39
C PRO A 503 -1.37 -8.29 25.89
N LEU A 504 -0.52 -8.53 24.89
CA LEU A 504 0.26 -7.46 24.25
C LEU A 504 -0.71 -6.62 23.40
N ARG A 505 -0.99 -5.39 23.83
CA ARG A 505 -1.86 -4.50 23.08
C ARG A 505 -1.01 -3.71 22.11
N LEU A 506 -0.66 -4.31 20.97
CA LEU A 506 0.29 -3.69 20.05
C LEU A 506 -0.29 -3.15 18.75
N ARG A 507 0.35 -2.07 18.28
CA ARG A 507 -0.04 -1.28 17.12
C ARG A 507 0.93 -1.37 15.94
N LEU A 508 2.17 -1.78 16.20
CA LEU A 508 3.10 -2.09 15.12
C LEU A 508 3.88 -3.35 15.45
N MET A 509 4.18 -4.10 14.41
CA MET A 509 5.06 -5.26 14.50
C MET A 509 6.05 -5.19 13.34
N GLY A 510 7.25 -5.70 13.57
CA GLY A 510 8.28 -5.76 12.53
C GLY A 510 9.20 -6.94 12.69
N VAL A 511 9.82 -7.33 11.59
CA VAL A 511 10.83 -8.39 11.59
C VAL A 511 12.00 -7.87 10.74
N ARG A 512 13.21 -7.95 11.28
CA ARG A 512 14.42 -7.51 10.58
C ARG A 512 15.44 -8.66 10.57
N ILE A 513 16.08 -8.86 9.42
CA ILE A 513 17.19 -9.81 9.34
C ILE A 513 18.51 -9.09 9.05
N SER A 514 19.57 -9.58 9.71
CA SER A 514 20.90 -8.97 9.70
C SER A 514 21.96 -10.04 9.91
N SER A 515 23.24 -9.63 9.91
CA SER A 515 24.40 -10.52 10.05
C SER A 515 24.63 -11.36 8.79
N PHE A 516 24.68 -10.66 7.66
CA PHE A 516 24.96 -11.29 6.37
C PHE A 516 26.44 -11.67 6.28
N PRO A 517 26.82 -12.54 5.31
CA PRO A 517 28.23 -12.95 5.22
C PRO A 517 29.17 -11.89 4.63
N ASN A 518 30.48 -12.15 4.70
CA ASN A 518 31.51 -11.27 4.13
C ASN A 518 31.38 -11.04 2.62
N LEU B 31 -30.78 8.48 5.07
CA LEU B 31 -31.31 9.19 3.86
C LEU B 31 -32.19 8.29 2.97
N ASP B 32 -32.90 8.92 2.03
CA ASP B 32 -33.97 8.29 1.24
C ASP B 32 -33.47 7.72 -0.10
N LYS B 33 -34.17 6.70 -0.60
CA LYS B 33 -33.83 6.04 -1.89
C LYS B 33 -33.66 7.03 -3.06
N GLU B 34 -34.57 7.98 -3.19
CA GLU B 34 -34.50 9.02 -4.23
C GLU B 34 -33.44 10.08 -3.90
N LYS B 35 -33.36 10.47 -2.63
CA LYS B 35 -32.36 11.43 -2.15
C LYS B 35 -30.91 10.95 -2.39
N ILE B 36 -30.68 9.66 -2.17
CA ILE B 36 -29.38 9.01 -2.41
C ILE B 36 -28.93 9.16 -3.86
N ASN B 37 -29.75 8.68 -4.79
CA ASN B 37 -29.40 8.69 -6.23
C ASN B 37 -29.35 10.09 -6.82
N LYS B 38 -30.02 11.05 -6.17
CA LYS B 38 -30.02 12.47 -6.58
C LYS B 38 -28.79 13.26 -6.10
N ILE B 39 -28.17 12.85 -4.99
CA ILE B 39 -26.89 13.45 -4.54
C ILE B 39 -25.71 12.93 -5.37
N ILE B 40 -25.73 11.62 -5.66
CA ILE B 40 -24.70 10.98 -6.49
C ILE B 40 -24.76 11.59 -7.90
N MET B 41 -25.94 11.49 -8.53
CA MET B 41 -26.20 12.08 -9.87
C MET B 41 -25.71 13.52 -9.98
N GLU B 42 -25.82 14.27 -8.87
CA GLU B 42 -25.22 15.60 -8.75
C GLU B 42 -23.69 15.51 -8.79
N ALA B 43 -23.13 14.76 -7.83
CA ALA B 43 -21.68 14.65 -7.67
C ALA B 43 -20.99 14.06 -8.90
N THR B 44 -21.62 13.05 -9.48
CA THR B 44 -21.08 12.32 -10.62
C THR B 44 -21.11 13.12 -11.95
N LYS B 45 -22.19 13.88 -12.19
CA LYS B 45 -22.48 14.47 -13.52
C LYS B 45 -21.40 15.45 -13.93
N GLY B 46 -20.90 15.29 -15.16
CA GLY B 46 -19.85 16.15 -15.72
C GLY B 46 -18.44 15.59 -15.66
N SER B 47 -18.22 14.59 -14.80
CA SER B 47 -16.90 14.00 -14.59
C SER B 47 -16.44 13.18 -15.79
N ARG B 48 -15.12 13.11 -15.98
CA ARG B 48 -14.51 12.28 -17.03
C ARG B 48 -15.01 10.83 -16.88
N PHE B 49 -15.13 10.38 -15.63
CA PHE B 49 -15.65 9.04 -15.28
C PHE B 49 -17.09 8.78 -15.73
N TYR B 50 -17.97 9.75 -15.48
CA TYR B 50 -19.39 9.61 -15.81
C TYR B 50 -19.60 9.43 -17.31
N GLY B 51 -18.92 10.26 -18.10
CA GLY B 51 -18.90 10.13 -19.55
C GLY B 51 -18.58 8.73 -20.01
N ASN B 52 -17.62 8.07 -19.36
CA ASN B 52 -17.31 6.68 -19.66
C ASN B 52 -18.42 5.72 -19.25
N GLU B 53 -19.08 5.96 -18.12
CA GLU B 53 -20.24 5.15 -17.70
C GLU B 53 -21.42 5.25 -18.68
N LEU B 54 -21.62 6.44 -19.25
CA LEU B 54 -22.64 6.62 -20.30
C LEU B 54 -22.29 5.83 -21.56
N LYS B 55 -21.04 5.93 -22.00
CA LYS B 55 -20.52 5.15 -23.11
C LYS B 55 -20.66 3.64 -22.85
N LYS B 56 -20.45 3.24 -21.60
CA LYS B 56 -20.67 1.86 -21.13
C LYS B 56 -22.15 1.47 -21.29
N GLU B 57 -23.03 2.35 -20.83
CA GLU B 57 -24.49 2.17 -20.82
C GLU B 57 -25.09 1.99 -22.23
N LYS B 58 -24.68 2.83 -23.18
CA LYS B 58 -25.14 2.71 -24.57
C LYS B 58 -24.73 1.38 -25.17
N GLN B 59 -23.49 0.96 -24.93
CA GLN B 59 -22.98 -0.32 -25.42
C GLN B 59 -23.83 -1.53 -24.96
N VAL B 60 -24.43 -1.44 -23.77
CA VAL B 60 -25.33 -2.48 -23.27
C VAL B 60 -26.67 -2.37 -23.98
N ASN B 61 -27.32 -1.21 -23.84
CA ASN B 61 -28.63 -0.93 -24.47
C ASN B 61 -28.69 -1.29 -25.97
N GLN B 62 -27.59 -1.06 -26.68
CA GLN B 62 -27.41 -1.53 -28.04
C GLN B 62 -27.56 -3.04 -28.09
N ARG B 63 -26.77 -3.72 -27.25
CA ARG B 63 -26.76 -5.17 -27.16
C ARG B 63 -28.13 -5.76 -26.72
N ILE B 64 -28.91 -5.00 -25.95
CA ILE B 64 -30.31 -5.33 -25.65
C ILE B 64 -31.18 -5.17 -26.90
N GLU B 65 -31.05 -4.01 -27.57
CA GLU B 65 -31.75 -3.76 -28.84
C GLU B 65 -31.53 -4.89 -29.86
N ASN B 66 -30.29 -5.35 -30.01
CA ASN B 66 -29.99 -6.49 -30.91
C ASN B 66 -30.62 -7.81 -30.48
N MET B 67 -30.89 -7.97 -29.19
CA MET B 67 -31.63 -9.12 -28.68
C MET B 67 -33.11 -8.99 -29.02
N MET B 68 -33.70 -7.84 -28.70
CA MET B 68 -35.12 -7.56 -28.99
C MET B 68 -35.46 -7.69 -30.47
N GLN B 69 -34.54 -7.27 -31.35
CA GLN B 69 -34.69 -7.46 -32.80
C GLN B 69 -34.69 -8.93 -33.16
N GLN B 70 -33.83 -9.71 -32.51
CA GLN B 70 -33.74 -11.15 -32.74
C GLN B 70 -34.94 -11.94 -32.19
N LYS B 71 -35.52 -11.46 -31.09
CA LYS B 71 -36.78 -12.00 -30.54
C LYS B 71 -37.94 -11.87 -31.52
N ALA B 72 -37.94 -10.81 -32.34
CA ALA B 72 -38.97 -10.60 -33.36
C ALA B 72 -38.87 -11.57 -34.57
N GLN B 73 -37.66 -11.89 -35.00
CA GLN B 73 -37.47 -12.77 -36.17
C GLN B 73 -37.68 -14.27 -35.88
N ILE B 74 -37.90 -14.66 -34.61
CA ILE B 74 -38.19 -16.08 -34.29
C ILE B 74 -39.70 -16.37 -34.35
N THR B 75 -40.04 -17.55 -34.88
CA THR B 75 -41.42 -17.93 -35.16
C THR B 75 -41.96 -18.83 -34.05
N SER B 76 -43.28 -18.95 -34.01
CA SER B 76 -43.94 -19.90 -33.10
C SER B 76 -43.51 -21.34 -33.38
N GLN B 77 -43.36 -21.69 -34.66
CA GLN B 77 -42.80 -22.98 -35.08
C GLN B 77 -41.47 -23.26 -34.39
N GLN B 78 -40.57 -22.26 -34.39
CA GLN B 78 -39.24 -22.39 -33.79
C GLN B 78 -39.29 -22.46 -32.27
N LEU B 79 -40.05 -21.54 -31.68
CA LEU B 79 -40.27 -21.49 -30.23
C LEU B 79 -40.69 -22.85 -29.67
N ARG B 80 -41.59 -23.52 -30.39
CA ARG B 80 -42.03 -24.89 -30.08
C ARG B 80 -40.90 -25.88 -30.22
N LYS B 81 -40.24 -25.88 -31.38
CA LYS B 81 -39.12 -26.80 -31.64
C LYS B 81 -38.05 -26.68 -30.54
N ALA B 82 -37.87 -25.46 -30.04
CA ALA B 82 -37.02 -25.18 -28.89
C ALA B 82 -37.61 -25.70 -27.58
N GLN B 83 -38.87 -25.38 -27.33
CA GLN B 83 -39.61 -25.85 -26.15
C GLN B 83 -39.51 -27.36 -25.94
N LEU B 84 -39.63 -28.15 -27.00
CA LEU B 84 -39.51 -29.63 -26.90
C LEU B 84 -38.06 -30.13 -26.73
N GLN B 85 -37.12 -29.22 -26.90
CA GLN B 85 -35.73 -29.51 -26.69
C GLN B 85 -35.24 -29.13 -25.30
N VAL B 86 -35.82 -28.12 -24.70
CA VAL B 86 -35.47 -27.69 -23.37
C VAL B 86 -36.01 -28.71 -22.41
N ASP B 87 -37.30 -28.99 -22.53
CA ASP B 87 -37.98 -29.98 -21.74
C ASP B 87 -37.18 -31.25 -21.85
N ARG B 88 -36.89 -31.69 -23.03
CA ARG B 88 -35.90 -32.76 -23.30
C ARG B 88 -34.68 -32.68 -22.37
N PHE B 89 -34.11 -31.48 -22.24
CA PHE B 89 -32.95 -31.27 -21.36
C PHE B 89 -33.34 -31.20 -19.88
N ALA B 90 -34.35 -30.39 -19.56
CA ALA B 90 -34.79 -30.22 -18.16
C ALA B 90 -35.37 -31.48 -17.51
N MET B 91 -35.76 -32.47 -18.32
CA MET B 91 -36.05 -33.82 -17.82
C MET B 91 -34.76 -34.52 -17.38
N GLU B 92 -33.69 -34.37 -18.18
CA GLU B 92 -32.37 -34.93 -17.84
C GLU B 92 -31.81 -34.38 -16.53
N LEU B 93 -31.87 -33.05 -16.35
CA LEU B 93 -31.36 -32.41 -15.12
C LEU B 93 -32.18 -32.77 -13.90
N GLU B 94 -33.49 -32.63 -14.03
CA GLU B 94 -34.44 -32.98 -12.96
C GLU B 94 -34.33 -34.45 -12.54
N GLN B 95 -34.01 -35.34 -13.49
CA GLN B 95 -33.79 -36.76 -13.19
C GLN B 95 -32.48 -36.99 -12.40
N SER B 96 -31.44 -36.24 -12.72
CA SER B 96 -30.14 -36.34 -12.02
C SER B 96 -29.96 -35.42 -10.79
N ARG B 97 -30.99 -34.66 -10.43
CA ARG B 97 -31.00 -33.85 -9.19
C ARG B 97 -30.54 -34.66 -7.97
N ASN B 98 -29.84 -33.99 -7.05
CA ASN B 98 -29.38 -34.60 -5.80
C ASN B 98 -29.77 -33.75 -4.58
N LEU B 99 -30.43 -34.37 -3.61
CA LEU B 99 -30.78 -33.72 -2.34
C LEU B 99 -30.11 -34.37 -1.12
N SER B 100 -29.20 -35.30 -1.37
CA SER B 100 -28.55 -36.07 -0.30
C SER B 100 -27.50 -35.26 0.48
N ASN B 101 -26.74 -34.41 -0.23
CA ASN B 101 -25.65 -33.64 0.37
C ASN B 101 -26.15 -32.36 1.04
N THR B 102 -25.67 -32.08 2.25
CA THR B 102 -25.95 -30.83 2.95
C THR B 102 -24.76 -29.89 2.75
N ILE B 103 -25.06 -28.67 2.32
CA ILE B 103 -24.05 -27.66 1.98
C ILE B 103 -24.31 -26.37 2.77
N VAL B 104 -23.24 -25.81 3.34
CA VAL B 104 -23.32 -24.59 4.16
C VAL B 104 -22.47 -23.49 3.54
N HIS B 105 -23.02 -22.29 3.48
CA HIS B 105 -22.25 -21.13 3.06
C HIS B 105 -22.09 -20.18 4.24
N ILE B 106 -20.84 -19.93 4.63
CA ILE B 106 -20.49 -19.02 5.72
C ILE B 106 -19.99 -17.74 5.06
N ASP B 107 -20.50 -16.59 5.50
CA ASP B 107 -20.16 -15.29 4.92
C ASP B 107 -20.17 -14.26 6.03
N MET B 108 -18.98 -13.79 6.40
CA MET B 108 -18.82 -12.82 7.49
C MET B 108 -19.62 -11.55 7.24
N ASP B 109 -19.95 -10.86 8.33
CA ASP B 109 -20.79 -9.67 8.29
C ASP B 109 -19.90 -8.42 8.32
N ALA B 110 -20.12 -7.52 7.37
CA ALA B 110 -19.34 -6.27 7.21
C ALA B 110 -17.84 -6.44 7.50
N PHE B 111 -17.28 -7.53 6.96
CA PHE B 111 -16.02 -8.12 7.46
C PHE B 111 -14.86 -7.17 7.82
N TYR B 112 -14.37 -6.37 6.87
CA TYR B 112 -13.26 -5.46 7.16
C TYR B 112 -13.70 -4.42 8.20
N ALA B 113 -14.92 -3.89 8.02
CA ALA B 113 -15.46 -2.88 8.94
C ALA B 113 -15.75 -3.44 10.33
N ALA B 114 -16.17 -4.70 10.40
CA ALA B 114 -16.40 -5.39 11.66
C ALA B 114 -15.09 -5.61 12.44
N VAL B 115 -14.02 -5.99 11.73
CA VAL B 115 -12.68 -6.15 12.33
C VAL B 115 -12.16 -4.82 12.84
N GLU B 116 -12.32 -3.77 12.05
CA GLU B 116 -11.92 -2.43 12.46
C GLU B 116 -12.82 -1.87 13.58
N MET B 117 -14.07 -2.32 13.64
CA MET B 117 -15.00 -1.94 14.72
C MET B 117 -14.64 -2.62 16.04
N ARG B 118 -14.28 -3.90 15.99
CA ARG B 118 -13.86 -4.66 17.17
C ARG B 118 -12.80 -3.89 17.95
N ASP B 119 -11.70 -3.59 17.27
CA ASP B 119 -10.46 -3.13 17.93
C ASP B 119 -10.35 -1.64 18.17
N ASN B 120 -11.24 -0.85 17.56
CA ASN B 120 -11.44 0.54 17.96
C ASN B 120 -12.88 0.67 18.47
N PRO B 121 -13.09 0.54 19.79
CA PRO B 121 -14.39 0.74 20.42
C PRO B 121 -15.10 2.05 20.07
N GLU B 122 -14.34 3.16 20.06
CA GLU B 122 -14.85 4.48 19.60
C GLU B 122 -15.89 4.40 18.47
N LEU B 123 -15.59 3.57 17.47
CA LEU B 123 -16.44 3.39 16.27
C LEU B 123 -17.69 2.49 16.45
N LYS B 124 -17.87 1.89 17.63
CA LYS B 124 -18.89 0.85 17.84
C LYS B 124 -20.30 1.21 17.35
N ASP B 125 -20.78 2.41 17.71
CA ASP B 125 -22.13 2.88 17.40
C ASP B 125 -22.07 4.10 16.49
N LYS B 126 -21.49 3.91 15.30
CA LYS B 126 -21.13 5.02 14.39
C LYS B 126 -21.07 4.54 12.92
N PRO B 127 -21.30 5.45 11.94
CA PRO B 127 -21.21 5.00 10.55
C PRO B 127 -19.76 5.00 10.06
N ILE B 128 -19.26 3.85 9.62
CA ILE B 128 -17.88 3.73 9.13
C ILE B 128 -17.76 3.03 7.78
N ALA B 129 -16.61 3.27 7.14
CA ALA B 129 -16.25 2.61 5.90
C ALA B 129 -14.75 2.33 5.91
N VAL B 130 -14.39 1.14 5.44
CA VAL B 130 -12.99 0.78 5.23
C VAL B 130 -12.62 1.17 3.81
N GLY B 131 -11.47 1.81 3.66
CA GLY B 131 -10.97 2.23 2.35
C GLY B 131 -10.32 3.58 2.40
N SER B 132 -10.61 4.41 1.42
CA SER B 132 -10.00 5.71 1.30
C SER B 132 -10.97 6.68 0.64
N MET B 133 -10.53 7.92 0.51
CA MET B 133 -11.29 8.92 -0.24
C MET B 133 -11.51 8.46 -1.69
N SER B 134 -10.54 7.74 -2.26
CA SER B 134 -10.63 7.23 -3.64
C SER B 134 -11.58 6.02 -3.84
N MET B 135 -11.71 5.17 -2.82
CA MET B 135 -12.47 3.91 -2.96
C MET B 135 -12.75 3.31 -1.59
N LEU B 136 -13.89 2.65 -1.46
CA LEU B 136 -14.28 1.99 -0.21
C LEU B 136 -14.46 0.49 -0.47
N SER B 137 -13.77 -0.33 0.33
CA SER B 137 -13.88 -1.79 0.24
C SER B 137 -15.24 -2.23 0.76
N THR B 138 -15.63 -1.69 1.90
CA THR B 138 -16.94 -1.97 2.47
C THR B 138 -17.34 -0.88 3.45
N SER B 139 -18.58 -1.00 3.91
CA SER B 139 -19.13 -0.14 4.94
C SER B 139 -19.99 -0.95 5.89
N ASN B 140 -20.05 -0.51 7.14
CA ASN B 140 -20.85 -1.18 8.15
C ASN B 140 -22.32 -0.85 7.98
N TYR B 141 -23.16 -1.71 8.55
CA TYR B 141 -24.63 -1.62 8.39
C TYR B 141 -25.22 -0.30 8.83
N HIS B 142 -24.62 0.28 9.86
CA HIS B 142 -25.00 1.62 10.30
C HIS B 142 -24.83 2.61 9.16
N ALA B 143 -23.65 2.63 8.55
CA ALA B 143 -23.36 3.49 7.40
C ALA B 143 -24.17 3.11 6.16
N ARG B 144 -24.40 1.81 6.00
CA ARG B 144 -25.09 1.26 4.83
C ARG B 144 -26.52 1.80 4.66
N ARG B 145 -27.16 2.17 5.77
CA ARG B 145 -28.47 2.85 5.76
C ARG B 145 -28.49 4.25 5.09
N PHE B 146 -27.32 4.87 4.92
CA PHE B 146 -27.18 6.12 4.15
C PHE B 146 -26.93 5.90 2.65
N GLY B 147 -26.74 4.63 2.25
CA GLY B 147 -26.46 4.27 0.87
C GLY B 147 -25.00 3.92 0.57
N VAL B 148 -24.08 4.23 1.48
CA VAL B 148 -22.65 4.03 1.23
C VAL B 148 -22.38 2.54 1.20
N ARG B 149 -21.69 2.10 0.16
CA ARG B 149 -21.52 0.68 -0.14
C ARG B 149 -20.09 0.40 -0.58
N ALA B 150 -19.73 -0.88 -0.60
CA ALA B 150 -18.54 -1.37 -1.30
C ALA B 150 -18.51 -0.87 -2.74
N ALA B 151 -17.30 -0.61 -3.23
CA ALA B 151 -17.05 -0.10 -4.59
C ALA B 151 -17.47 1.35 -4.85
N MET B 152 -17.84 2.09 -3.79
CA MET B 152 -18.18 3.51 -3.91
C MET B 152 -16.98 4.33 -3.46
N PRO B 153 -16.66 5.43 -4.17
CA PRO B 153 -15.54 6.24 -3.73
C PRO B 153 -15.87 7.04 -2.48
N GLY B 154 -14.89 7.18 -1.60
CA GLY B 154 -15.04 7.87 -0.34
C GLY B 154 -15.61 9.27 -0.46
N PHE B 155 -15.11 10.06 -1.42
CA PHE B 155 -15.55 11.46 -1.53
C PHE B 155 -17.07 11.56 -1.74
N ILE B 156 -17.63 10.65 -2.53
CA ILE B 156 -19.08 10.55 -2.72
C ILE B 156 -19.74 10.11 -1.42
N ALA B 157 -19.22 9.08 -0.79
CA ALA B 157 -19.73 8.61 0.51
C ALA B 157 -19.75 9.68 1.62
N LYS B 158 -18.75 10.56 1.63
CA LYS B 158 -18.73 11.70 2.58
C LYS B 158 -19.77 12.79 2.21
N ARG B 159 -20.24 12.82 0.96
CA ARG B 159 -21.39 13.65 0.56
C ARG B 159 -22.74 13.05 0.98
N LEU B 160 -22.90 11.72 0.85
CA LEU B 160 -24.12 11.02 1.32
C LEU B 160 -24.26 10.98 2.84
N CYS B 161 -23.15 11.17 3.57
CA CYS B 161 -23.10 10.99 5.02
C CYS B 161 -21.79 11.59 5.55
N PRO B 162 -21.79 12.89 5.93
CA PRO B 162 -20.57 13.52 6.48
C PRO B 162 -20.11 12.94 7.82
N GLN B 163 -21.05 12.41 8.62
CA GLN B 163 -20.74 11.67 9.84
C GLN B 163 -19.72 10.54 9.62
N LEU B 164 -19.73 9.96 8.41
CA LEU B 164 -18.84 8.86 8.01
C LEU B 164 -17.37 9.04 8.40
N ILE B 165 -16.82 7.98 8.99
CA ILE B 165 -15.43 7.89 9.39
C ILE B 165 -14.78 6.87 8.48
N ILE B 166 -13.83 7.32 7.66
CA ILE B 166 -13.12 6.43 6.73
C ILE B 166 -11.87 5.91 7.44
N VAL B 167 -11.71 4.59 7.42
CA VAL B 167 -10.62 3.89 8.11
C VAL B 167 -9.74 3.17 7.09
N PRO B 168 -8.43 3.46 7.07
CA PRO B 168 -7.55 2.74 6.16
C PRO B 168 -7.59 1.22 6.41
N PRO B 169 -7.50 0.41 5.35
CA PRO B 169 -7.52 -1.03 5.56
C PRO B 169 -6.20 -1.60 6.11
N ASN B 170 -6.34 -2.59 6.99
CA ASN B 170 -5.25 -3.39 7.52
C ASN B 170 -5.41 -4.82 7.07
N PHE B 171 -4.87 -5.11 5.88
CA PHE B 171 -5.14 -6.38 5.22
C PHE B 171 -4.55 -7.61 5.96
N ASP B 172 -3.39 -7.42 6.58
CA ASP B 172 -2.75 -8.48 7.35
C ASP B 172 -3.55 -8.85 8.60
N LYS B 173 -4.31 -7.90 9.15
CA LYS B 173 -5.29 -8.20 10.19
C LYS B 173 -6.43 -9.06 9.67
N TYR B 174 -7.02 -8.67 8.54
CA TYR B 174 -8.14 -9.41 7.97
C TYR B 174 -7.69 -10.81 7.59
N ARG B 175 -6.48 -10.92 7.03
CA ARG B 175 -5.91 -12.24 6.70
C ARG B 175 -5.75 -13.12 7.96
N ALA B 176 -5.36 -12.50 9.07
CA ALA B 176 -5.17 -13.22 10.34
C ALA B 176 -6.48 -13.74 10.94
N VAL B 177 -7.51 -12.88 10.90
CA VAL B 177 -8.85 -13.23 11.38
C VAL B 177 -9.39 -14.37 10.52
N SER B 178 -9.31 -14.21 9.21
CA SER B 178 -9.72 -15.25 8.28
C SER B 178 -9.11 -16.62 8.64
N LYS B 179 -7.83 -16.61 9.00
CA LYS B 179 -7.11 -17.82 9.39
C LYS B 179 -7.69 -18.45 10.66
N GLU B 180 -8.13 -17.62 11.61
CA GLU B 180 -8.83 -18.09 12.82
C GLU B 180 -10.15 -18.84 12.51
N VAL B 181 -10.87 -18.38 11.48
CA VAL B 181 -12.19 -18.96 11.13
C VAL B 181 -12.00 -20.22 10.26
N LYS B 182 -11.04 -20.21 9.34
CA LYS B 182 -10.69 -21.42 8.59
C LYS B 182 -10.29 -22.64 9.48
N GLU B 183 -9.81 -22.38 10.70
CA GLU B 183 -9.55 -23.43 11.71
C GLU B 183 -10.84 -24.05 12.22
N ILE B 184 -11.81 -23.20 12.57
CA ILE B 184 -13.15 -23.65 12.98
C ILE B 184 -13.82 -24.46 11.89
N LEU B 185 -13.80 -23.94 10.65
CA LEU B 185 -14.47 -24.58 9.52
C LEU B 185 -13.85 -25.94 9.12
N ALA B 186 -12.57 -26.12 9.43
CA ALA B 186 -11.85 -27.39 9.17
C ALA B 186 -12.36 -28.56 9.99
N ASP B 187 -12.85 -28.30 11.19
CA ASP B 187 -13.44 -29.35 12.05
C ASP B 187 -14.62 -30.03 11.38
N TYR B 188 -15.47 -29.24 10.72
CA TYR B 188 -16.75 -29.69 10.18
C TYR B 188 -16.59 -30.25 8.77
N ASP B 189 -15.66 -29.67 8.01
CA ASP B 189 -15.28 -30.23 6.73
C ASP B 189 -13.79 -29.98 6.54
N PRO B 190 -12.96 -31.03 6.55
CA PRO B 190 -11.54 -30.81 6.23
C PRO B 190 -11.28 -30.46 4.75
N ASN B 191 -12.18 -30.82 3.84
CA ASN B 191 -12.02 -30.52 2.41
C ASN B 191 -12.87 -29.32 1.96
N PHE B 192 -12.96 -28.30 2.82
CA PHE B 192 -13.80 -27.14 2.57
C PHE B 192 -13.20 -26.26 1.49
N MET B 193 -13.97 -25.26 1.07
CA MET B 193 -13.62 -24.41 -0.06
C MET B 193 -13.70 -22.94 0.37
N ALA B 194 -12.55 -22.29 0.44
CA ALA B 194 -12.46 -20.87 0.77
C ALA B 194 -12.59 -20.09 -0.52
N MET B 195 -13.63 -19.26 -0.59
CA MET B 195 -13.85 -18.39 -1.74
C MET B 195 -13.17 -17.04 -1.56
N SER B 196 -13.03 -16.61 -0.32
CA SER B 196 -12.34 -15.36 -0.01
C SER B 196 -11.75 -15.44 1.39
N LEU B 197 -11.41 -14.29 1.96
CA LEU B 197 -11.08 -14.23 3.38
C LEU B 197 -12.36 -14.46 4.15
N ASP B 198 -13.44 -13.78 3.76
CA ASP B 198 -14.70 -13.76 4.55
C ASP B 198 -15.70 -14.91 4.24
N GLU B 199 -15.69 -15.41 2.99
CA GLU B 199 -16.63 -16.45 2.54
C GLU B 199 -16.04 -17.85 2.57
N ALA B 200 -16.91 -18.86 2.68
CA ALA B 200 -16.50 -20.25 2.46
C ALA B 200 -17.70 -21.17 2.28
N TYR B 201 -17.52 -22.21 1.46
CA TYR B 201 -18.48 -23.31 1.33
C TYR B 201 -18.01 -24.49 2.18
N LEU B 202 -18.98 -25.29 2.63
CA LEU B 202 -18.74 -26.52 3.42
C LEU B 202 -19.69 -27.64 3.00
N ASN B 203 -19.18 -28.87 3.06
CA ASN B 203 -19.97 -30.08 2.79
C ASN B 203 -20.11 -30.91 4.08
N ILE B 204 -21.12 -30.57 4.88
CA ILE B 204 -21.31 -31.17 6.23
C ILE B 204 -22.10 -32.49 6.25
N THR B 205 -21.99 -33.30 5.20
CA THR B 205 -22.65 -34.61 5.15
C THR B 205 -21.87 -35.62 6.00
N LYS B 206 -20.62 -35.89 5.64
CA LYS B 206 -19.76 -36.85 6.37
C LYS B 206 -19.66 -36.58 7.89
N HIS B 207 -19.71 -35.30 8.27
CA HIS B 207 -19.77 -34.91 9.68
C HIS B 207 -21.14 -35.16 10.32
N LEU B 208 -22.23 -34.81 9.61
CA LEU B 208 -23.59 -34.97 10.17
C LEU B 208 -23.99 -36.44 10.43
N GLU B 209 -23.40 -37.38 9.68
CA GLU B 209 -23.55 -38.82 9.92
C GLU B 209 -22.92 -39.20 11.26
N GLU B 210 -21.64 -38.84 11.41
CA GLU B 210 -20.86 -39.13 12.62
C GLU B 210 -21.45 -38.43 13.86
N ARG B 211 -22.04 -37.24 13.66
CA ARG B 211 -22.64 -36.47 14.76
C ARG B 211 -23.97 -37.04 15.29
N GLN B 212 -24.64 -37.90 14.53
CA GLN B 212 -25.86 -38.56 15.03
C GLN B 212 -25.57 -39.36 16.31
N ASN B 213 -24.46 -40.09 16.32
CA ASN B 213 -24.08 -41.00 17.42
C ASN B 213 -23.06 -40.38 18.41
N TRP B 214 -23.08 -39.05 18.54
CA TRP B 214 -22.16 -38.33 19.44
C TRP B 214 -22.83 -38.11 20.79
N PRO B 215 -22.04 -38.17 21.90
CA PRO B 215 -22.55 -37.76 23.22
C PRO B 215 -22.58 -36.24 23.36
N GLU B 216 -23.16 -35.75 24.44
CA GLU B 216 -23.23 -34.29 24.70
C GLU B 216 -21.88 -33.63 25.02
N ASP B 217 -20.89 -34.41 25.47
CA ASP B 217 -19.55 -33.90 25.80
C ASP B 217 -18.80 -33.37 24.56
N LYS B 218 -18.91 -34.11 23.45
CA LYS B 218 -18.29 -33.72 22.17
C LYS B 218 -18.88 -32.46 21.50
N ARG B 219 -20.08 -32.04 21.91
CA ARG B 219 -20.75 -30.88 21.32
C ARG B 219 -21.34 -29.90 22.36
N ARG B 220 -20.59 -29.74 23.46
CA ARG B 220 -20.85 -28.71 24.47
C ARG B 220 -19.70 -27.71 24.39
N TYR B 221 -20.05 -26.42 24.37
CA TYR B 221 -19.09 -25.33 24.33
C TYR B 221 -19.35 -24.37 25.48
N PHE B 222 -18.28 -24.02 26.19
CA PHE B 222 -18.34 -23.08 27.32
C PHE B 222 -18.17 -21.66 26.78
N ILE B 223 -18.82 -20.71 27.44
CA ILE B 223 -18.81 -19.31 26.99
C ILE B 223 -17.47 -18.65 27.36
N LYS B 224 -17.02 -17.72 26.53
CA LYS B 224 -15.74 -17.00 26.70
C LYS B 224 -15.88 -15.55 26.25
N ASN B 282 -21.67 -20.97 32.80
CA ASN B 282 -22.46 -20.63 31.62
C ASN B 282 -21.95 -21.40 30.37
N SER B 283 -22.61 -22.53 30.09
CA SER B 283 -22.29 -23.39 28.93
C SER B 283 -23.47 -23.45 27.95
N VAL B 284 -23.23 -24.04 26.78
CA VAL B 284 -24.30 -24.42 25.83
C VAL B 284 -23.93 -25.64 25.01
N VAL B 285 -24.92 -26.53 24.84
CA VAL B 285 -24.80 -27.68 23.94
C VAL B 285 -25.56 -27.37 22.66
N PHE B 286 -25.33 -28.19 21.64
CA PHE B 286 -25.97 -28.04 20.35
C PHE B 286 -26.47 -29.39 19.87
N GLY B 287 -27.57 -29.36 19.12
CA GLY B 287 -28.23 -30.58 18.64
C GLY B 287 -27.52 -31.29 17.51
N THR B 288 -28.08 -32.44 17.12
CA THR B 288 -27.52 -33.28 16.06
C THR B 288 -27.89 -32.84 14.62
N SER B 289 -28.79 -31.86 14.52
CA SER B 289 -29.31 -31.37 13.23
C SER B 289 -28.37 -30.41 12.52
N ALA B 290 -28.56 -30.30 11.20
CA ALA B 290 -27.80 -29.37 10.37
C ALA B 290 -28.01 -27.93 10.81
N GLN B 291 -29.27 -27.54 11.00
CA GLN B 291 -29.61 -26.23 11.56
C GLN B 291 -28.80 -25.87 12.81
N GLU B 292 -28.62 -26.84 13.70
CA GLU B 292 -27.87 -26.65 14.95
C GLU B 292 -26.35 -26.63 14.71
N VAL B 293 -25.83 -27.60 13.94
CA VAL B 293 -24.40 -27.62 13.57
C VAL B 293 -23.90 -26.24 13.16
N VAL B 294 -24.68 -25.56 12.33
CA VAL B 294 -24.31 -24.22 11.86
C VAL B 294 -24.42 -23.17 12.97
N LYS B 295 -25.42 -23.28 13.86
CA LYS B 295 -25.47 -22.40 15.05
C LYS B 295 -24.19 -22.56 15.92
N GLU B 296 -23.64 -23.78 15.95
CA GLU B 296 -22.39 -24.07 16.64
C GLU B 296 -21.20 -23.44 15.94
N ILE B 297 -21.17 -23.52 14.61
CA ILE B 297 -20.14 -22.83 13.81
C ILE B 297 -20.18 -21.31 14.01
N ARG B 298 -21.36 -20.72 13.93
CA ARG B 298 -21.52 -19.29 14.13
C ARG B 298 -21.21 -18.87 15.57
N PHE B 299 -21.48 -19.77 16.53
CA PHE B 299 -21.10 -19.51 17.92
C PHE B 299 -19.58 -19.43 18.10
N ARG B 300 -18.88 -20.54 17.81
CA ARG B 300 -17.40 -20.66 17.92
C ARG B 300 -16.60 -19.55 17.23
N ILE B 301 -17.13 -19.06 16.10
CA ILE B 301 -16.57 -17.88 15.42
C ILE B 301 -16.69 -16.65 16.32
N GLU B 302 -17.88 -16.37 16.85
CA GLU B 302 -18.09 -15.20 17.69
C GLU B 302 -17.33 -15.27 19.02
N GLN B 303 -16.99 -16.49 19.46
CA GLN B 303 -16.06 -16.70 20.58
C GLN B 303 -14.65 -16.30 20.20
N LYS B 304 -14.11 -16.99 19.20
CA LYS B 304 -12.72 -16.89 18.81
C LYS B 304 -12.35 -15.50 18.32
N THR B 305 -13.18 -14.93 17.45
CA THR B 305 -12.89 -13.66 16.76
C THR B 305 -13.67 -12.43 17.23
N THR B 306 -14.80 -12.65 17.93
CA THR B 306 -15.73 -11.58 18.34
C THR B 306 -16.34 -10.82 17.14
N LEU B 307 -16.60 -11.56 16.07
CA LEU B 307 -17.30 -11.07 14.90
C LEU B 307 -18.46 -12.00 14.60
N THR B 308 -19.54 -11.42 14.10
CA THR B 308 -20.71 -12.19 13.70
C THR B 308 -20.51 -12.71 12.28
N ALA B 309 -21.13 -13.85 11.98
CA ALA B 309 -21.22 -14.39 10.62
C ALA B 309 -22.68 -14.67 10.29
N SER B 310 -22.99 -14.76 9.00
CA SER B 310 -24.28 -15.28 8.54
C SER B 310 -24.01 -16.56 7.79
N ALA B 311 -25.01 -17.44 7.75
CA ALA B 311 -24.83 -18.74 7.09
C ALA B 311 -26.07 -19.19 6.36
N GLY B 312 -25.86 -20.04 5.36
CA GLY B 312 -26.92 -20.59 4.56
C GLY B 312 -26.77 -22.08 4.51
N ILE B 313 -27.89 -22.80 4.61
CA ILE B 313 -27.92 -24.24 4.47
C ILE B 313 -28.87 -24.55 3.32
N ALA B 314 -28.54 -25.58 2.54
CA ALA B 314 -29.30 -25.99 1.36
C ALA B 314 -28.60 -27.18 0.71
N PRO B 315 -29.31 -27.89 -0.21
CA PRO B 315 -28.69 -29.08 -0.82
C PRO B 315 -27.64 -28.87 -1.93
N ASN B 316 -27.40 -27.61 -2.32
CA ASN B 316 -26.31 -27.25 -3.25
C ASN B 316 -25.72 -25.85 -2.93
N THR B 317 -24.61 -25.52 -3.60
CA THR B 317 -23.87 -24.27 -3.38
C THR B 317 -24.63 -23.01 -3.83
N MET B 318 -25.23 -23.09 -5.02
CA MET B 318 -26.00 -21.98 -5.60
C MET B 318 -27.06 -21.48 -4.63
N LEU B 319 -27.84 -22.41 -4.10
CA LEU B 319 -28.89 -22.10 -3.11
C LEU B 319 -28.31 -21.61 -1.78
N ALA B 320 -27.34 -22.36 -1.25
CA ALA B 320 -26.69 -22.04 0.02
C ALA B 320 -26.21 -20.60 0.07
N LYS B 321 -25.50 -20.20 -0.99
CA LYS B 321 -25.04 -18.84 -1.21
C LYS B 321 -26.17 -17.80 -1.14
N VAL B 322 -27.36 -18.14 -1.68
CA VAL B 322 -28.53 -17.23 -1.66
C VAL B 322 -29.16 -17.14 -0.26
N CYS B 323 -29.40 -18.30 0.38
CA CYS B 323 -30.03 -18.29 1.71
C CYS B 323 -29.09 -17.75 2.81
N SER B 324 -27.80 -17.71 2.54
CA SER B 324 -26.86 -17.01 3.40
C SER B 324 -27.13 -15.50 3.48
N ASP B 325 -27.51 -14.92 2.34
CA ASP B 325 -27.90 -13.51 2.26
C ASP B 325 -29.24 -13.25 2.94
N LYS B 326 -30.13 -14.24 2.88
CA LYS B 326 -31.50 -14.15 3.44
C LYS B 326 -31.58 -13.43 4.81
N ASN B 327 -30.89 -13.98 5.81
CA ASN B 327 -30.95 -13.52 7.22
C ASN B 327 -29.66 -12.81 7.67
N LYS B 328 -29.13 -11.95 6.81
CA LYS B 328 -27.92 -11.22 7.10
C LYS B 328 -28.33 -9.85 7.67
N PRO B 329 -27.68 -9.34 8.73
CA PRO B 329 -26.53 -9.97 9.43
C PRO B 329 -26.89 -10.90 10.57
N ASN B 330 -25.94 -11.75 10.94
CA ASN B 330 -25.99 -12.56 12.17
C ASN B 330 -27.21 -13.49 12.23
N GLY B 331 -27.41 -14.26 11.16
CA GLY B 331 -28.54 -15.17 11.06
C GLY B 331 -28.40 -16.23 9.99
N GLN B 332 -29.25 -17.25 10.09
CA GLN B 332 -29.23 -18.41 9.18
C GLN B 332 -30.53 -18.55 8.39
N TYR B 333 -30.47 -19.41 7.37
CA TYR B 333 -31.66 -19.93 6.72
C TYR B 333 -31.31 -21.25 6.05
N GLN B 334 -32.15 -22.25 6.27
CA GLN B 334 -32.02 -23.56 5.62
C GLN B 334 -33.09 -23.73 4.53
N ILE B 335 -32.71 -24.40 3.47
CA ILE B 335 -33.66 -24.94 2.50
C ILE B 335 -33.59 -26.45 2.70
N LEU B 336 -34.66 -27.01 3.28
CA LEU B 336 -34.69 -28.41 3.70
C LEU B 336 -34.61 -29.34 2.47
N PRO B 337 -33.79 -30.42 2.54
CA PRO B 337 -33.55 -31.22 1.32
C PRO B 337 -34.80 -31.99 0.85
N ASN B 338 -35.67 -31.29 0.12
CA ASN B 338 -36.85 -31.88 -0.50
C ASN B 338 -37.31 -30.95 -1.62
N ARG B 339 -37.68 -31.54 -2.76
CA ARG B 339 -37.94 -30.79 -3.99
C ARG B 339 -38.95 -29.66 -3.80
N GLN B 340 -39.99 -29.91 -3.02
CA GLN B 340 -41.07 -28.94 -2.81
C GLN B 340 -40.55 -27.65 -2.15
N ALA B 341 -39.82 -27.81 -1.05
CA ALA B 341 -39.26 -26.67 -0.30
C ALA B 341 -38.25 -25.85 -1.11
N VAL B 342 -37.46 -26.54 -1.95
CA VAL B 342 -36.52 -25.91 -2.87
C VAL B 342 -37.27 -24.92 -3.77
N MET B 343 -38.26 -25.44 -4.50
CA MET B 343 -39.08 -24.67 -5.45
C MET B 343 -39.88 -23.53 -4.82
N ASP B 344 -40.32 -23.75 -3.58
CA ASP B 344 -41.07 -22.74 -2.84
C ASP B 344 -40.22 -21.51 -2.55
N PHE B 345 -38.92 -21.71 -2.33
CA PHE B 345 -38.00 -20.58 -2.16
C PHE B 345 -37.67 -19.89 -3.48
N ILE B 346 -37.28 -20.70 -4.46
CA ILE B 346 -36.99 -20.26 -5.83
C ILE B 346 -38.10 -19.35 -6.38
N LYS B 347 -39.35 -19.78 -6.23
CA LYS B 347 -40.54 -19.15 -6.83
C LYS B 347 -40.46 -17.63 -7.05
N ASP B 348 -40.38 -16.88 -5.95
CA ASP B 348 -40.43 -15.42 -6.00
C ASP B 348 -39.05 -14.78 -5.91
N LEU B 349 -38.01 -15.62 -5.84
CA LEU B 349 -36.63 -15.15 -5.71
C LEU B 349 -36.22 -14.30 -6.92
N PRO B 350 -35.82 -13.04 -6.67
CA PRO B 350 -35.28 -12.25 -7.79
C PRO B 350 -33.98 -12.85 -8.32
N ILE B 351 -33.83 -12.88 -9.64
CA ILE B 351 -32.64 -13.47 -10.30
C ILE B 351 -31.31 -12.83 -9.91
N ARG B 352 -31.31 -11.53 -9.64
CA ARG B 352 -30.10 -10.78 -9.25
C ARG B 352 -29.34 -11.40 -8.06
N LYS B 353 -30.13 -11.87 -7.10
CA LYS B 353 -29.64 -12.52 -5.87
C LYS B 353 -28.91 -13.86 -6.08
N VAL B 354 -29.06 -14.45 -7.25
CA VAL B 354 -28.23 -15.58 -7.62
C VAL B 354 -26.81 -15.07 -7.86
N SER B 355 -25.83 -15.82 -7.39
CA SER B 355 -24.42 -15.48 -7.59
C SER B 355 -24.06 -15.83 -9.02
N GLY B 356 -23.64 -14.82 -9.79
CA GLY B 356 -23.33 -14.96 -11.22
C GLY B 356 -24.29 -14.22 -12.15
N ILE B 357 -25.48 -13.87 -11.65
CA ILE B 357 -26.38 -12.93 -12.30
C ILE B 357 -26.08 -11.56 -11.74
N GLY B 358 -25.71 -10.63 -12.62
CA GLY B 358 -25.24 -9.31 -12.21
C GLY B 358 -25.95 -8.17 -12.90
N LYS B 359 -25.43 -6.97 -12.69
CA LYS B 359 -26.07 -5.74 -13.14
C LYS B 359 -26.59 -5.83 -14.57
N VAL B 360 -25.72 -6.29 -15.47
CA VAL B 360 -26.05 -6.36 -16.90
C VAL B 360 -27.11 -7.40 -17.18
N THR B 361 -26.81 -8.65 -16.84
CA THR B 361 -27.71 -9.78 -17.10
C THR B 361 -29.11 -9.58 -16.51
N GLU B 362 -29.20 -8.92 -15.36
CA GLU B 362 -30.48 -8.54 -14.78
C GLU B 362 -31.24 -7.61 -15.73
N LYS B 363 -30.55 -6.61 -16.25
CA LYS B 363 -31.13 -5.64 -17.20
C LYS B 363 -31.57 -6.28 -18.52
N MET B 364 -30.76 -7.19 -19.04
CA MET B 364 -31.11 -7.91 -20.27
C MET B 364 -32.33 -8.79 -20.06
N LEU B 365 -32.31 -9.59 -19.02
CA LEU B 365 -33.45 -10.43 -18.67
C LEU B 365 -34.69 -9.63 -18.28
N LYS B 366 -34.51 -8.42 -17.74
CA LYS B 366 -35.65 -7.52 -17.46
C LYS B 366 -36.38 -7.10 -18.73
N ALA B 367 -35.64 -6.78 -19.79
CA ALA B 367 -36.24 -6.42 -21.07
C ALA B 367 -37.01 -7.56 -21.76
N LEU B 368 -36.71 -8.81 -21.38
CA LEU B 368 -37.58 -9.96 -21.73
C LEU B 368 -38.66 -10.25 -20.67
N GLY B 369 -38.95 -9.26 -19.80
CA GLY B 369 -39.93 -9.41 -18.71
C GLY B 369 -39.55 -10.28 -17.52
N ILE B 370 -38.30 -10.77 -17.48
CA ILE B 370 -37.86 -11.71 -16.45
C ILE B 370 -37.30 -10.92 -15.27
N ILE B 371 -37.96 -11.04 -14.12
CA ILE B 371 -37.44 -10.53 -12.83
C ILE B 371 -37.18 -11.65 -11.78
N THR B 372 -37.93 -12.75 -11.82
CA THR B 372 -37.80 -13.85 -10.82
C THR B 372 -37.47 -15.21 -11.46
N CYS B 373 -37.07 -16.16 -10.63
CA CYS B 373 -36.58 -17.47 -11.10
C CYS B 373 -37.63 -18.38 -11.74
N THR B 374 -38.92 -18.10 -11.49
CA THR B 374 -40.02 -18.80 -12.19
C THR B 374 -40.25 -18.20 -13.59
N GLU B 375 -40.17 -16.88 -13.69
CA GLU B 375 -40.19 -16.22 -15.00
C GLU B 375 -39.02 -16.68 -15.89
N LEU B 376 -37.88 -16.98 -15.26
CA LEU B 376 -36.73 -17.57 -15.95
C LEU B 376 -36.99 -19.00 -16.44
N TYR B 377 -37.91 -19.72 -15.77
CA TYR B 377 -38.34 -21.04 -16.21
C TYR B 377 -39.37 -20.95 -17.32
N GLN B 378 -40.36 -20.07 -17.16
CA GLN B 378 -41.40 -19.87 -18.18
C GLN B 378 -40.78 -19.52 -19.53
N GLN B 379 -39.80 -18.63 -19.50
CA GLN B 379 -39.16 -18.13 -20.71
C GLN B 379 -38.01 -19.00 -21.22
N ARG B 380 -37.83 -20.20 -20.67
CA ARG B 380 -36.70 -21.07 -21.01
C ARG B 380 -36.53 -21.37 -22.49
N ALA B 381 -37.64 -21.47 -23.22
CA ALA B 381 -37.61 -21.77 -24.66
C ALA B 381 -37.04 -20.60 -25.44
N LEU B 382 -37.60 -19.42 -25.19
CA LEU B 382 -37.08 -18.15 -25.72
C LEU B 382 -35.57 -17.97 -25.44
N LEU B 383 -35.15 -18.30 -24.21
CA LEU B 383 -33.74 -18.19 -23.81
C LEU B 383 -32.80 -19.12 -24.59
N SER B 384 -33.28 -20.30 -24.99
CA SER B 384 -32.47 -21.23 -25.77
C SER B 384 -32.22 -20.76 -27.20
N LEU B 385 -32.88 -19.67 -27.62
CA LEU B 385 -32.70 -19.07 -28.96
C LEU B 385 -32.02 -17.71 -28.98
N LEU B 386 -32.03 -16.99 -27.85
CA LEU B 386 -31.35 -15.70 -27.71
C LEU B 386 -29.93 -15.81 -27.11
N PHE B 387 -29.78 -16.68 -26.12
CA PHE B 387 -28.49 -16.88 -25.45
C PHE B 387 -27.81 -18.17 -25.91
N SER B 388 -26.49 -18.23 -25.77
CA SER B 388 -25.71 -19.40 -26.20
C SER B 388 -25.96 -20.62 -25.31
N GLU B 389 -25.49 -21.78 -25.74
CA GLU B 389 -25.74 -23.04 -25.05
C GLU B 389 -25.35 -22.94 -23.56
N THR B 390 -24.12 -22.50 -23.34
CA THR B 390 -23.58 -22.36 -21.99
C THR B 390 -24.39 -21.41 -21.11
N SER B 391 -24.90 -20.33 -21.69
CA SER B 391 -25.70 -19.35 -20.95
C SER B 391 -27.13 -19.81 -20.61
N TRP B 392 -27.78 -20.56 -21.50
CA TRP B 392 -29.16 -20.99 -21.23
C TRP B 392 -29.20 -22.21 -20.32
N HIS B 393 -28.26 -23.14 -20.53
CA HIS B 393 -28.04 -24.25 -19.59
C HIS B 393 -27.95 -23.73 -18.16
N TYR B 394 -27.12 -22.72 -17.98
CA TYR B 394 -26.90 -22.07 -16.70
C TYR B 394 -28.21 -21.53 -16.15
N PHE B 395 -28.90 -20.71 -16.94
CA PHE B 395 -30.21 -20.15 -16.55
C PHE B 395 -31.19 -21.25 -16.12
N LEU B 396 -31.23 -22.33 -16.90
CA LEU B 396 -32.10 -23.46 -16.62
C LEU B 396 -31.77 -24.17 -15.30
N HIS B 397 -30.49 -24.26 -14.94
CA HIS B 397 -30.11 -24.78 -13.61
C HIS B 397 -30.69 -23.89 -12.51
N ILE B 398 -30.62 -22.57 -12.71
CA ILE B 398 -31.15 -21.60 -11.75
C ILE B 398 -32.68 -21.61 -11.71
N SER B 399 -33.29 -21.83 -12.88
CA SER B 399 -34.75 -22.01 -12.98
C SER B 399 -35.17 -23.15 -12.06
N LEU B 400 -34.52 -24.29 -12.22
CA LEU B 400 -34.85 -25.50 -11.47
C LEU B 400 -34.24 -25.58 -10.05
N GLY B 401 -33.55 -24.53 -9.60
CA GLY B 401 -32.93 -24.52 -8.27
C GLY B 401 -31.71 -25.42 -8.09
N LEU B 402 -31.14 -25.92 -9.20
CA LEU B 402 -30.02 -26.84 -9.15
C LEU B 402 -28.67 -26.14 -9.07
N GLY B 403 -27.67 -26.89 -8.65
CA GLY B 403 -26.33 -26.36 -8.48
C GLY B 403 -25.31 -27.43 -8.16
N SER B 404 -24.15 -26.97 -7.68
CA SER B 404 -23.04 -27.86 -7.33
C SER B 404 -23.30 -28.47 -5.95
N THR B 405 -23.13 -29.79 -5.87
CA THR B 405 -23.39 -30.57 -4.65
C THR B 405 -22.14 -31.16 -3.99
N HIS B 406 -21.07 -31.39 -4.75
CA HIS B 406 -19.74 -31.71 -4.18
C HIS B 406 -18.75 -30.58 -4.51
N LEU B 407 -17.81 -30.33 -3.58
CA LEU B 407 -16.81 -29.27 -3.71
C LEU B 407 -15.52 -29.82 -4.36
N THR B 408 -15.29 -29.48 -5.63
CA THR B 408 -14.11 -29.94 -6.39
C THR B 408 -12.89 -29.12 -5.96
N ARG B 409 -12.02 -29.73 -5.15
CA ARG B 409 -10.84 -29.09 -4.54
C ARG B 409 -10.11 -28.08 -5.45
N ASP B 410 -9.75 -26.93 -4.90
CA ASP B 410 -9.27 -25.74 -5.66
C ASP B 410 -8.23 -26.02 -6.75
N GLY B 411 -8.59 -25.72 -8.01
CA GLY B 411 -7.73 -26.00 -9.17
C GLY B 411 -6.55 -25.06 -9.31
N GLU B 412 -5.56 -25.47 -10.10
CA GLU B 412 -4.34 -24.68 -10.33
C GLU B 412 -4.66 -23.41 -11.09
N ARG B 413 -3.89 -22.35 -10.84
CA ARG B 413 -4.15 -21.03 -11.44
C ARG B 413 -3.73 -20.97 -12.89
N LYS B 414 -4.36 -20.05 -13.61
CA LYS B 414 -4.23 -19.92 -15.06
C LYS B 414 -3.55 -18.61 -15.51
N SER B 415 -3.57 -17.59 -14.65
CA SER B 415 -2.81 -16.36 -14.88
C SER B 415 -2.39 -15.69 -13.58
N MET B 416 -1.57 -14.66 -13.68
CA MET B 416 -1.16 -13.84 -12.54
C MET B 416 -0.92 -12.43 -13.03
N SER B 417 -1.08 -11.43 -12.17
CA SER B 417 -1.00 -10.05 -12.63
C SER B 417 -0.81 -9.00 -11.54
N VAL B 418 -0.40 -7.82 -11.99
CA VAL B 418 -0.25 -6.63 -11.16
C VAL B 418 -0.74 -5.43 -11.96
N GLU B 419 -1.47 -4.54 -11.30
CA GLU B 419 -1.88 -3.26 -11.90
C GLU B 419 -1.98 -2.22 -10.82
N ARG B 420 -1.83 -0.97 -11.23
CA ARG B 420 -1.80 0.13 -10.30
C ARG B 420 -2.45 1.35 -10.91
N THR B 421 -3.21 2.07 -10.09
CA THR B 421 -3.83 3.32 -10.48
C THR B 421 -2.92 4.42 -10.00
N PHE B 422 -2.90 5.55 -10.71
CA PHE B 422 -2.07 6.69 -10.38
C PHE B 422 -2.55 7.97 -11.04
N SER B 423 -2.19 9.10 -10.43
CA SER B 423 -2.36 10.39 -11.07
C SER B 423 -1.63 10.35 -12.39
N GLU B 424 -2.14 11.13 -13.34
CA GLU B 424 -1.75 11.02 -14.74
C GLU B 424 -0.25 10.85 -14.98
N ILE B 425 0.10 9.86 -15.80
CA ILE B 425 1.44 9.70 -16.35
C ILE B 425 1.30 9.93 -17.84
N ASN B 426 2.10 10.85 -18.37
CA ASN B 426 2.09 11.16 -19.81
C ASN B 426 3.45 11.22 -20.52
N LYS B 427 4.55 11.26 -19.76
CA LYS B 427 5.88 11.13 -20.34
C LYS B 427 6.19 9.68 -20.69
N ALA B 428 6.54 9.40 -21.94
CA ALA B 428 6.77 8.03 -22.43
C ALA B 428 7.84 7.27 -21.66
N GLU B 429 8.90 7.96 -21.24
CA GLU B 429 9.96 7.30 -20.50
C GLU B 429 9.47 6.81 -19.14
N GLU B 430 8.65 7.61 -18.46
CA GLU B 430 8.02 7.20 -17.19
C GLU B 430 7.11 5.97 -17.37
N GLN B 431 6.41 5.90 -18.49
CA GLN B 431 5.51 4.80 -18.79
C GLN B 431 6.27 3.51 -18.99
N TYR B 432 7.46 3.57 -19.59
CA TYR B 432 8.34 2.40 -19.70
C TYR B 432 8.87 1.98 -18.33
N SER B 433 9.33 2.94 -17.54
CA SER B 433 9.87 2.66 -16.20
C SER B 433 8.82 2.08 -15.28
N LEU B 434 7.58 2.52 -15.47
CA LEU B 434 6.48 2.00 -14.66
C LEU B 434 6.09 0.61 -15.13
N CYS B 435 6.11 0.41 -16.44
CA CYS B 435 5.95 -0.93 -17.01
C CYS B 435 7.02 -1.88 -16.47
N GLN B 436 8.27 -1.43 -16.53
CA GLN B 436 9.42 -2.21 -16.04
C GLN B 436 9.25 -2.62 -14.58
N GLU B 437 8.69 -1.71 -13.79
CA GLU B 437 8.51 -1.95 -12.36
C GLU B 437 7.46 -3.01 -12.10
N LEU B 438 6.34 -2.92 -12.80
CA LEU B 438 5.26 -3.90 -12.69
C LEU B 438 5.69 -5.29 -13.13
N CYS B 439 6.51 -5.33 -14.18
CA CYS B 439 7.15 -6.58 -14.63
C CYS B 439 8.06 -7.23 -13.59
N SER B 440 8.81 -6.42 -12.83
CA SER B 440 9.63 -6.94 -11.74
C SER B 440 8.78 -7.52 -10.61
N GLU B 441 7.75 -6.76 -10.22
CA GLU B 441 6.84 -7.19 -9.16
C GLU B 441 6.13 -8.47 -9.55
N LEU B 442 5.70 -8.55 -10.80
CA LEU B 442 5.01 -9.73 -11.28
C LEU B 442 5.94 -10.93 -11.23
N ALA B 443 7.12 -10.78 -11.83
CA ALA B 443 8.17 -11.82 -11.85
C ALA B 443 8.51 -12.34 -10.45
N GLN B 444 8.50 -11.44 -9.47
CA GLN B 444 8.74 -11.79 -8.08
C GLN B 444 7.62 -12.67 -7.54
N ASP B 445 6.38 -12.34 -7.90
CA ASP B 445 5.20 -13.13 -7.52
C ASP B 445 5.20 -14.53 -8.15
N LEU B 446 5.67 -14.63 -9.39
CA LEU B 446 5.85 -15.93 -10.07
C LEU B 446 6.91 -16.79 -9.42
N GLN B 447 7.94 -16.13 -8.89
CA GLN B 447 9.02 -16.82 -8.18
C GLN B 447 8.43 -17.49 -6.93
N LYS B 448 7.60 -16.75 -6.20
CA LYS B 448 6.93 -17.27 -4.99
C LYS B 448 6.29 -18.65 -5.23
N GLU B 449 5.48 -18.77 -6.29
CA GLU B 449 4.77 -20.03 -6.60
C GLU B 449 5.46 -20.91 -7.66
N ARG B 450 6.66 -20.53 -8.08
CA ARG B 450 7.48 -21.29 -9.05
C ARG B 450 6.78 -21.49 -10.40
N LEU B 451 6.10 -20.46 -10.89
CA LEU B 451 5.37 -20.53 -12.17
C LEU B 451 6.12 -19.81 -13.28
N LYS B 452 5.82 -20.21 -14.51
CA LYS B 452 6.38 -19.58 -15.72
C LYS B 452 5.32 -19.67 -16.82
N GLY B 453 5.23 -18.65 -17.67
CA GLY B 453 4.19 -18.57 -18.72
C GLY B 453 4.69 -18.05 -20.06
N ARG B 454 3.83 -18.09 -21.07
CA ARG B 454 4.21 -17.74 -22.44
C ARG B 454 3.52 -16.52 -23.02
N THR B 455 2.49 -16.03 -22.34
CA THR B 455 1.71 -14.94 -22.85
C THR B 455 1.77 -13.79 -21.85
N VAL B 456 2.31 -12.66 -22.31
CA VAL B 456 2.40 -11.44 -21.53
C VAL B 456 1.37 -10.46 -22.07
N THR B 457 0.61 -9.84 -21.16
CA THR B 457 -0.50 -8.96 -21.52
C THR B 457 -0.38 -7.65 -20.75
N ILE B 458 -0.23 -6.53 -21.44
CA ILE B 458 -0.32 -5.22 -20.77
C ILE B 458 -1.78 -4.76 -20.70
N LYS B 459 -2.08 -3.93 -19.72
CA LYS B 459 -3.39 -3.31 -19.60
C LYS B 459 -3.15 -1.83 -19.40
N LEU B 460 -3.74 -1.03 -20.27
CA LEU B 460 -3.62 0.42 -20.20
C LEU B 460 -4.99 1.02 -20.07
N LYS B 461 -5.14 2.00 -19.18
CA LYS B 461 -6.39 2.75 -19.07
C LYS B 461 -6.10 4.23 -19.05
N ASN B 462 -6.61 4.95 -20.05
CA ASN B 462 -6.38 6.39 -20.16
C ASN B 462 -7.20 7.20 -19.16
N VAL B 463 -6.88 8.49 -19.05
CA VAL B 463 -7.57 9.39 -18.10
C VAL B 463 -9.08 9.57 -18.32
N ASN B 464 -9.57 9.24 -19.52
CA ASN B 464 -11.01 9.16 -19.83
C ASN B 464 -11.65 7.79 -19.56
N PHE B 465 -10.89 6.89 -18.93
CA PHE B 465 -11.37 5.59 -18.40
C PHE B 465 -11.55 4.44 -19.40
N GLU B 466 -11.08 4.64 -20.62
CA GLU B 466 -11.16 3.62 -21.66
C GLU B 466 -10.01 2.65 -21.45
N VAL B 467 -10.31 1.35 -21.49
CA VAL B 467 -9.33 0.31 -21.18
C VAL B 467 -8.92 -0.45 -22.42
N LYS B 468 -7.62 -0.71 -22.55
CA LYS B 468 -7.05 -1.53 -23.62
C LYS B 468 -6.24 -2.64 -22.98
N THR B 469 -6.34 -3.84 -23.53
CA THR B 469 -5.35 -4.88 -23.26
C THR B 469 -4.62 -5.15 -24.56
N ARG B 470 -3.36 -5.52 -24.45
CA ARG B 470 -2.57 -5.93 -25.60
C ARG B 470 -1.69 -7.09 -25.18
N ALA B 471 -1.85 -8.23 -25.86
CA ALA B 471 -1.11 -9.45 -25.55
C ALA B 471 -0.13 -9.82 -26.63
N SER B 472 0.85 -10.64 -26.25
CA SER B 472 1.78 -11.31 -27.16
C SER B 472 2.20 -12.64 -26.57
N THR B 473 2.09 -13.70 -27.37
CA THR B 473 2.51 -15.05 -26.93
C THR B 473 3.89 -15.38 -27.52
N VAL B 474 4.64 -16.19 -26.79
CA VAL B 474 6.00 -16.55 -27.14
C VAL B 474 6.12 -18.09 -27.17
N SER B 475 7.03 -18.58 -28.00
CA SER B 475 7.37 -20.00 -28.08
C SER B 475 7.83 -20.61 -26.73
N SER B 476 8.99 -20.17 -26.24
CA SER B 476 9.54 -20.66 -24.97
C SER B 476 8.97 -19.89 -23.77
N VAL B 477 8.78 -20.61 -22.68
CA VAL B 477 8.15 -20.08 -21.47
C VAL B 477 9.06 -19.06 -20.75
N VAL B 478 8.52 -17.86 -20.48
CA VAL B 478 9.27 -16.80 -19.76
C VAL B 478 8.85 -16.69 -18.28
N SER B 479 9.61 -15.92 -17.50
CA SER B 479 9.40 -15.82 -16.05
C SER B 479 10.12 -14.66 -15.33
N THR B 480 11.32 -14.29 -15.78
CA THR B 480 12.10 -13.23 -15.12
C THR B 480 11.61 -11.83 -15.50
N ALA B 481 11.96 -10.87 -14.65
CA ALA B 481 11.62 -9.45 -14.84
C ALA B 481 12.03 -8.91 -16.20
N GLU B 482 13.17 -9.38 -16.71
CA GLU B 482 13.76 -8.88 -17.95
C GLU B 482 13.04 -9.46 -19.16
N GLU B 483 12.74 -10.77 -19.10
CA GLU B 483 12.02 -11.46 -20.18
C GLU B 483 10.62 -10.88 -20.34
N ILE B 484 9.90 -10.76 -19.22
CA ILE B 484 8.55 -10.20 -19.22
C ILE B 484 8.60 -8.75 -19.68
N PHE B 485 9.54 -7.96 -19.15
CA PHE B 485 9.66 -6.56 -19.58
C PHE B 485 9.96 -6.47 -21.08
N ALA B 486 10.93 -7.24 -21.56
CA ALA B 486 11.27 -7.33 -23.00
C ALA B 486 10.06 -7.47 -23.93
N ILE B 487 9.09 -8.26 -23.51
CA ILE B 487 7.85 -8.44 -24.25
C ILE B 487 6.92 -7.24 -24.03
N ALA B 488 6.57 -6.99 -22.77
CA ALA B 488 5.68 -5.89 -22.39
C ALA B 488 6.12 -4.52 -22.91
N LYS B 489 7.43 -4.32 -22.94
CA LYS B 489 8.08 -3.13 -23.50
C LYS B 489 7.58 -2.85 -24.93
N GLU B 490 7.63 -3.88 -25.78
CA GLU B 490 7.26 -3.75 -27.18
C GLU B 490 5.78 -3.52 -27.38
N LEU B 491 4.97 -4.14 -26.51
CA LEU B 491 3.51 -3.94 -26.51
C LEU B 491 3.16 -2.51 -26.14
N LEU B 492 3.85 -1.98 -25.14
CA LEU B 492 3.66 -0.59 -24.73
C LEU B 492 4.14 0.38 -25.82
N LYS B 493 5.30 0.09 -26.42
CA LYS B 493 5.82 0.87 -27.55
C LYS B 493 4.83 1.00 -28.70
N THR B 494 4.15 -0.09 -29.04
CA THR B 494 3.15 -0.08 -30.11
C THR B 494 2.03 0.90 -29.81
N GLU B 495 1.59 0.96 -28.56
CA GLU B 495 0.49 1.84 -28.16
C GLU B 495 0.86 3.32 -28.15
N ILE B 496 2.08 3.63 -27.77
CA ILE B 496 2.57 5.02 -27.81
C ILE B 496 2.74 5.46 -29.27
N ASP B 497 3.41 4.61 -30.06
CA ASP B 497 3.58 4.82 -31.52
C ASP B 497 2.26 4.99 -32.28
N ALA B 498 1.20 4.32 -31.83
CA ALA B 498 -0.14 4.41 -32.45
C ALA B 498 -0.78 5.78 -32.33
N ASP B 499 -0.60 6.42 -31.18
CA ASP B 499 -1.12 7.77 -30.93
C ASP B 499 -0.22 8.86 -31.47
N PHE B 500 1.05 8.53 -31.73
CA PHE B 500 2.07 9.51 -32.12
C PHE B 500 1.53 10.45 -33.19
N PRO B 501 1.69 11.77 -33.03
CA PRO B 501 2.55 12.43 -32.04
C PRO B 501 2.00 12.56 -30.61
N HIS B 502 0.72 12.29 -30.40
CA HIS B 502 0.10 12.55 -29.09
C HIS B 502 0.60 11.57 -28.02
N PRO B 503 0.80 12.08 -26.79
CA PRO B 503 1.18 11.19 -25.71
C PRO B 503 -0.02 10.38 -25.20
N LEU B 504 0.24 9.13 -24.81
CA LEU B 504 -0.73 8.36 -24.07
C LEU B 504 -0.87 9.03 -22.71
N ARG B 505 -2.10 9.30 -22.28
CA ARG B 505 -2.37 9.91 -20.99
C ARG B 505 -3.04 8.89 -20.08
N LEU B 506 -2.22 8.20 -19.28
CA LEU B 506 -2.64 7.00 -18.53
C LEU B 506 -2.94 7.33 -17.09
N ARG B 507 -3.92 6.61 -16.54
CA ARG B 507 -4.17 6.58 -15.09
C ARG B 507 -4.12 5.17 -14.51
N LEU B 508 -3.80 4.19 -15.34
CA LEU B 508 -3.59 2.83 -14.87
C LEU B 508 -2.77 2.09 -15.88
N MET B 509 -1.86 1.29 -15.37
CA MET B 509 -1.14 0.31 -16.15
C MET B 509 -1.14 -0.98 -15.35
N GLY B 510 -1.25 -2.10 -16.05
CA GLY B 510 -1.01 -3.42 -15.47
C GLY B 510 -0.23 -4.34 -16.39
N VAL B 511 0.33 -5.40 -15.83
CA VAL B 511 0.93 -6.49 -16.61
C VAL B 511 0.39 -7.81 -16.06
N ARG B 512 -0.07 -8.68 -16.96
CA ARG B 512 -0.56 -10.01 -16.61
C ARG B 512 0.29 -11.01 -17.37
N ILE B 513 0.50 -12.18 -16.77
CA ILE B 513 1.16 -13.28 -17.45
C ILE B 513 0.28 -14.52 -17.35
N SER B 514 0.21 -15.25 -18.45
CA SER B 514 -0.74 -16.35 -18.65
C SER B 514 -0.07 -17.42 -19.54
N SER B 515 -0.84 -18.47 -19.87
CA SER B 515 -0.36 -19.60 -20.68
C SER B 515 0.74 -20.37 -19.95
N PHE B 516 0.41 -20.82 -18.75
CA PHE B 516 1.30 -21.69 -18.01
C PHE B 516 1.15 -23.09 -18.64
N PRO B 517 2.11 -24.00 -18.42
CA PRO B 517 1.98 -25.32 -19.03
C PRO B 517 0.91 -26.24 -18.37
N ASN B 518 1.11 -26.58 -17.11
CA ASN B 518 0.29 -27.58 -16.38
C ASN B 518 0.44 -29.00 -16.95
#